data_5JRU
#
_entry.id   5JRU
#
_cell.length_a   86.264
_cell.length_b   70.446
_cell.length_c   108.419
_cell.angle_alpha   90.00
_cell.angle_beta   104.93
_cell.angle_gamma   90.00
#
_symmetry.space_group_name_H-M   'P 1 21 1'
#
loop_
_entity.id
_entity.type
_entity.pdbx_description
1 polymer 'Methyl-accepting chemotaxis protein'
2 non-polymer 'PROTOPORPHYRIN IX CONTAINING FE'
3 water water
#
_entity_poly.entity_id   1
_entity_poly.type   'polypeptide(L)'
_entity_poly.pdbx_seq_one_letter_code
;MKGTIVGTWIKTLRDLYGNDVVDESLKSVGWEPDRVITPLEDIDDDEVRRIFAKVSEKTGKNVNEIWREVGRQNIKTFSE
WFPSYFAGRRLVNFLMMMDEVHLQLTKMIKGATPPRLIAKPVAKDAIEMEYVSKRKMYDYFLGLIEGSSKFFKEEISVEE
VERGEKDGFSRLKVRIKFKNPVFEYKKN
;
_entity_poly.pdbx_strand_id   A,B,C,D,E,F
#
loop_
_chem_comp.id
_chem_comp.type
_chem_comp.name
_chem_comp.formula
HEM non-polymer 'PROTOPORPHYRIN IX CONTAINING FE' 'C34 H32 Fe N4 O4'
#
# COMPACT_ATOMS: atom_id res chain seq x y z
N MET A 1 4.64 -16.20 -4.68
CA MET A 1 4.49 -15.62 -5.99
C MET A 1 4.24 -14.11 -5.89
N LYS A 2 4.72 -13.30 -6.84
CA LYS A 2 4.47 -11.87 -6.73
C LYS A 2 3.06 -11.49 -7.12
N GLY A 3 2.48 -10.47 -6.47
CA GLY A 3 1.13 -10.03 -6.78
C GLY A 3 0.89 -9.59 -8.23
N THR A 4 1.92 -9.03 -8.86
CA THR A 4 1.91 -8.70 -10.28
C THR A 4 1.43 -9.88 -11.12
N ILE A 5 2.01 -11.04 -10.89
CA ILE A 5 1.59 -12.16 -11.67
C ILE A 5 0.29 -12.81 -11.19
N VAL A 6 0.06 -12.89 -9.89
CA VAL A 6 -1.17 -13.54 -9.39
C VAL A 6 -2.42 -12.77 -9.90
N GLY A 7 -2.37 -11.44 -9.85
CA GLY A 7 -3.48 -10.63 -10.32
C GLY A 7 -3.87 -10.88 -11.76
N THR A 8 -2.86 -11.04 -12.61
CA THR A 8 -3.06 -11.39 -14.00
C THR A 8 -3.78 -12.72 -14.16
N TRP A 9 -3.36 -13.70 -13.40
CA TRP A 9 -3.98 -15.02 -13.44
C TRP A 9 -5.46 -14.93 -13.05
N ILE A 10 -5.76 -14.19 -11.97
CA ILE A 10 -7.14 -14.02 -11.52
C ILE A 10 -7.95 -13.42 -12.62
N LYS A 11 -7.38 -12.45 -13.27
CA LYS A 11 -8.10 -11.78 -14.33
C LYS A 11 -8.30 -12.76 -15.48
N THR A 12 -7.32 -13.60 -15.75
CA THR A 12 -7.46 -14.57 -16.81
C THR A 12 -8.49 -15.65 -16.48
N LEU A 13 -8.50 -16.11 -15.24
CA LEU A 13 -9.50 -17.11 -14.83
C LEU A 13 -10.93 -16.57 -14.99
N ARG A 14 -11.11 -15.29 -14.67
CA ARG A 14 -12.41 -14.65 -14.80
C ARG A 14 -12.82 -14.58 -16.27
N ASP A 15 -11.87 -14.25 -17.14
CA ASP A 15 -12.15 -14.18 -18.57
C ASP A 15 -12.61 -15.53 -19.13
N LEU A 16 -11.99 -16.59 -18.65
CA LEU A 16 -12.21 -17.94 -19.12
C LEU A 16 -13.48 -18.55 -18.52
N TYR A 17 -13.69 -18.42 -17.22
CA TYR A 17 -14.72 -19.21 -16.58
C TYR A 17 -15.79 -18.40 -15.80
N GLY A 18 -15.61 -17.09 -15.68
CA GLY A 18 -16.63 -16.25 -15.08
C GLY A 18 -16.41 -15.88 -13.64
N ASN A 19 -17.01 -14.79 -13.22
CA ASN A 19 -16.80 -14.27 -11.87
C ASN A 19 -17.30 -15.21 -10.75
N ASP A 20 -18.32 -16.01 -11.03
CA ASP A 20 -18.83 -16.88 -9.95
C ASP A 20 -17.87 -17.99 -9.55
N VAL A 21 -17.22 -18.60 -10.52
CA VAL A 21 -16.26 -19.67 -10.23
C VAL A 21 -15.09 -19.05 -9.47
N VAL A 22 -14.65 -17.90 -9.93
CA VAL A 22 -13.49 -17.24 -9.33
C VAL A 22 -13.80 -16.69 -7.95
N ASP A 23 -14.95 -16.02 -7.81
CA ASP A 23 -15.35 -15.52 -6.51
C ASP A 23 -15.36 -16.63 -5.47
N GLU A 24 -15.94 -17.76 -5.80
CA GLU A 24 -16.01 -18.85 -4.82
C GLU A 24 -14.65 -19.44 -4.53
N SER A 25 -13.82 -19.53 -5.55
CA SER A 25 -12.48 -20.00 -5.35
C SER A 25 -11.68 -19.01 -4.48
N LEU A 26 -11.85 -17.71 -4.64
CA LEU A 26 -11.14 -16.80 -3.74
C LEU A 26 -11.64 -16.97 -2.30
N LYS A 27 -12.96 -16.93 -2.07
CA LYS A 27 -13.52 -17.17 -0.73
C LYS A 27 -12.99 -18.47 -0.13
N SER A 28 -12.81 -19.49 -0.96
CA SER A 28 -12.38 -20.78 -0.44
C SER A 28 -11.07 -20.72 0.33
N VAL A 29 -10.23 -19.75 0.02
CA VAL A 29 -8.92 -19.65 0.67
C VAL A 29 -8.86 -18.46 1.62
N GLY A 30 -10.02 -17.84 1.86
CA GLY A 30 -10.13 -16.75 2.82
C GLY A 30 -9.85 -15.38 2.25
N TRP A 31 -10.06 -15.19 0.96
CA TRP A 31 -9.89 -13.87 0.38
C TRP A 31 -11.25 -13.30 0.13
N GLU A 32 -11.38 -11.99 0.25
CA GLU A 32 -12.51 -11.28 -0.33
C GLU A 32 -12.46 -11.42 -1.84
N PRO A 33 -13.59 -11.68 -2.47
CA PRO A 33 -13.59 -11.81 -3.95
C PRO A 33 -13.05 -10.58 -4.68
N ASP A 34 -13.19 -9.37 -4.14
CA ASP A 34 -12.62 -8.17 -4.77
C ASP A 34 -11.39 -7.64 -4.05
N ARG A 35 -10.70 -8.49 -3.32
CA ARG A 35 -9.44 -8.16 -2.70
C ARG A 35 -8.45 -7.51 -3.72
N VAL A 36 -7.84 -6.40 -3.34
CA VAL A 36 -6.85 -5.77 -4.22
C VAL A 36 -5.50 -6.44 -4.03
N ILE A 37 -4.88 -6.80 -5.15
CA ILE A 37 -3.59 -7.44 -5.14
C ILE A 37 -2.59 -6.46 -5.70
N THR A 38 -1.61 -6.10 -4.89
CA THR A 38 -0.63 -5.11 -5.33
C THR A 38 0.48 -5.78 -6.12
N PRO A 39 1.17 -5.01 -6.96
CA PRO A 39 2.17 -5.68 -7.82
C PRO A 39 3.29 -6.33 -6.99
N LEU A 40 3.65 -5.74 -5.85
CA LEU A 40 4.81 -6.24 -5.10
C LEU A 40 4.52 -7.05 -3.85
N GLU A 41 3.25 -7.23 -3.50
CA GLU A 41 3.01 -8.05 -2.33
C GLU A 41 3.31 -9.46 -2.70
N ASP A 42 3.68 -10.26 -1.71
CA ASP A 42 3.97 -11.70 -1.91
C ASP A 42 2.78 -12.64 -1.64
N ILE A 43 2.38 -13.40 -2.64
CA ILE A 43 1.26 -14.29 -2.46
C ILE A 43 1.73 -15.72 -2.22
N ASP A 44 1.18 -16.33 -1.18
CA ASP A 44 1.43 -17.72 -0.83
C ASP A 44 1.11 -18.64 -2.00
N ASP A 45 2.07 -19.45 -2.42
CA ASP A 45 1.91 -20.35 -3.58
C ASP A 45 0.81 -21.41 -3.37
N ASP A 46 0.74 -21.92 -2.15
CA ASP A 46 -0.22 -22.95 -1.83
C ASP A 46 -1.65 -22.46 -1.90
N GLU A 47 -1.86 -21.18 -1.62
CA GLU A 47 -3.18 -20.55 -1.80
C GLU A 47 -3.54 -20.50 -3.27
N VAL A 48 -2.57 -20.15 -4.09
CA VAL A 48 -2.78 -20.14 -5.52
C VAL A 48 -3.12 -21.56 -5.97
N ARG A 49 -2.39 -22.55 -5.47
CA ARG A 49 -2.71 -23.94 -5.81
C ARG A 49 -4.17 -24.29 -5.46
N ARG A 50 -4.61 -23.93 -4.26
CA ARG A 50 -5.99 -24.29 -3.84
C ARG A 50 -7.02 -23.52 -4.69
N ILE A 51 -6.74 -22.25 -5.00
CA ILE A 51 -7.63 -21.48 -5.89
C ILE A 51 -7.81 -22.16 -7.23
N PHE A 52 -6.69 -22.56 -7.84
CA PHE A 52 -6.75 -23.25 -9.12
C PHE A 52 -7.42 -24.61 -8.95
N ALA A 53 -7.23 -25.26 -7.80
CA ALA A 53 -7.92 -26.53 -7.53
C ALA A 53 -9.44 -26.39 -7.54
N LYS A 54 -9.93 -25.34 -6.88
CA LYS A 54 -11.37 -25.09 -6.77
C LYS A 54 -11.95 -24.72 -8.12
N VAL A 55 -11.20 -23.98 -8.93
CA VAL A 55 -11.64 -23.66 -10.27
C VAL A 55 -11.78 -24.93 -11.10
N SER A 56 -10.85 -25.86 -10.93
CA SER A 56 -10.91 -27.13 -11.63
C SER A 56 -12.13 -27.94 -11.24
N GLU A 57 -12.36 -28.05 -9.94
CA GLU A 57 -13.54 -28.74 -9.37
C GLU A 57 -14.89 -28.14 -9.84
N LYS A 58 -14.95 -26.81 -9.94
CA LYS A 58 -16.17 -26.16 -10.33
C LYS A 58 -16.38 -26.14 -11.82
N THR A 59 -15.33 -26.12 -12.64
CA THR A 59 -15.56 -26.01 -14.07
C THR A 59 -15.63 -27.37 -14.73
N GLY A 60 -15.07 -28.37 -14.07
CA GLY A 60 -14.94 -29.68 -14.69
C GLY A 60 -13.63 -29.73 -15.49
N LYS A 61 -12.90 -28.63 -15.61
CA LYS A 61 -11.63 -28.73 -16.36
C LYS A 61 -10.44 -29.21 -15.53
N ASN A 62 -9.65 -30.07 -16.17
CA ASN A 62 -8.45 -30.59 -15.55
C ASN A 62 -7.54 -29.39 -15.23
N VAL A 63 -6.98 -29.34 -14.04
CA VAL A 63 -6.19 -28.18 -13.64
C VAL A 63 -4.99 -27.97 -14.59
N ASN A 64 -4.39 -29.04 -15.09
CA ASN A 64 -3.31 -28.98 -16.09
C ASN A 64 -3.71 -28.25 -17.37
N GLU A 65 -4.93 -28.47 -17.85
CA GLU A 65 -5.37 -27.77 -19.05
C GLU A 65 -5.67 -26.29 -18.75
N ILE A 66 -6.03 -26.02 -17.50
CA ILE A 66 -6.24 -24.63 -17.11
C ILE A 66 -4.90 -23.81 -17.18
N TRP A 67 -3.89 -24.29 -16.48
CA TRP A 67 -2.59 -23.66 -16.52
C TRP A 67 -2.09 -23.52 -17.97
N ARG A 68 -2.35 -24.51 -18.80
CA ARG A 68 -1.95 -24.46 -20.18
C ARG A 68 -2.66 -23.31 -20.88
N GLU A 69 -3.97 -23.17 -20.65
CA GLU A 69 -4.74 -22.12 -21.27
C GLU A 69 -4.29 -20.75 -20.77
N VAL A 70 -4.07 -20.64 -19.48
CA VAL A 70 -3.65 -19.38 -18.88
C VAL A 70 -2.27 -18.98 -19.44
N GLY A 71 -1.35 -19.94 -19.55
CA GLY A 71 -0.06 -19.67 -20.18
C GLY A 71 -0.20 -19.16 -21.60
N ARG A 72 -1.05 -19.80 -22.41
CA ARG A 72 -1.31 -19.31 -23.77
C ARG A 72 -1.83 -17.90 -23.78
N GLN A 73 -2.71 -17.59 -22.84
CA GLN A 73 -3.29 -16.25 -22.81
C GLN A 73 -2.28 -15.16 -22.37
N ASN A 74 -1.38 -15.51 -21.45
CA ASN A 74 -0.53 -14.54 -20.80
C ASN A 74 0.59 -13.91 -21.64
N ILE A 75 1.07 -14.62 -22.67
CA ILE A 75 2.12 -14.08 -23.52
C ILE A 75 1.73 -12.71 -24.08
N LYS A 76 0.51 -12.59 -24.56
CA LYS A 76 0.03 -11.33 -25.09
C LYS A 76 0.09 -10.21 -24.02
N THR A 77 -0.26 -10.54 -22.78
CA THR A 77 -0.21 -9.58 -21.67
C THR A 77 1.20 -9.11 -21.39
N PHE A 78 2.14 -10.05 -21.38
CA PHE A 78 3.56 -9.74 -21.13
C PHE A 78 4.05 -8.79 -22.18
N SER A 79 3.58 -8.96 -23.41
CA SER A 79 4.01 -8.08 -24.49
C SER A 79 3.44 -6.67 -24.30
N GLU A 80 2.34 -6.55 -23.55
CA GLU A 80 1.81 -5.23 -23.17
C GLU A 80 2.63 -4.65 -22.00
N TRP A 81 3.12 -5.48 -21.09
CA TRP A 81 3.99 -4.98 -20.04
C TRP A 81 5.30 -4.49 -20.59
N PHE A 82 5.96 -5.33 -21.38
CA PHE A 82 7.30 -5.01 -21.83
C PHE A 82 7.46 -5.30 -23.33
N PRO A 83 6.84 -4.48 -24.19
CA PRO A 83 6.89 -4.71 -25.65
C PRO A 83 8.34 -4.75 -26.20
N SER A 84 9.28 -4.10 -25.53
CA SER A 84 10.64 -4.03 -26.07
C SER A 84 11.36 -5.38 -25.90
N TYR A 85 10.77 -6.31 -25.13
CA TYR A 85 11.36 -7.66 -25.07
C TYR A 85 10.92 -8.54 -26.24
N PHE A 86 9.86 -8.13 -26.91
CA PHE A 86 9.28 -8.87 -28.03
C PHE A 86 9.72 -8.23 -29.33
N ALA A 87 9.91 -6.90 -29.30
CA ALA A 87 10.12 -6.10 -30.50
C ALA A 87 11.29 -6.58 -31.32
N GLY A 88 11.03 -6.78 -32.62
CA GLY A 88 12.09 -7.14 -33.56
C GLY A 88 12.84 -8.44 -33.32
N ARG A 89 12.31 -9.33 -32.51
CA ARG A 89 13.02 -10.60 -32.36
C ARG A 89 12.33 -11.70 -33.19
N ARG A 90 13.10 -12.68 -33.59
CA ARG A 90 12.56 -13.92 -34.10
C ARG A 90 12.07 -14.79 -32.91
N LEU A 91 11.15 -15.72 -33.14
CA LEU A 91 10.73 -16.59 -32.04
C LEU A 91 11.93 -17.28 -31.36
N VAL A 92 12.86 -17.82 -32.17
CA VAL A 92 13.98 -18.56 -31.61
C VAL A 92 14.80 -17.59 -30.79
N ASN A 93 14.92 -16.34 -31.23
CA ASN A 93 15.60 -15.34 -30.42
C ASN A 93 14.91 -15.17 -29.08
N PHE A 94 13.60 -14.97 -29.15
CA PHE A 94 12.83 -14.72 -27.95
C PHE A 94 13.04 -15.80 -26.92
N LEU A 95 12.94 -17.06 -27.37
CA LEU A 95 13.09 -18.19 -26.46
C LEU A 95 14.51 -18.33 -25.90
N MET A 96 15.54 -18.07 -26.73
CA MET A 96 16.90 -18.17 -26.22
C MET A 96 17.23 -16.97 -25.29
N MET A 97 16.56 -15.85 -25.46
CA MET A 97 16.86 -14.70 -24.62
C MET A 97 16.08 -14.72 -23.32
N MET A 98 15.16 -15.68 -23.17
CA MET A 98 14.23 -15.57 -22.05
C MET A 98 14.91 -15.67 -20.69
N ASP A 99 15.93 -16.51 -20.56
CA ASP A 99 16.60 -16.63 -19.27
C ASP A 99 17.22 -15.31 -18.86
N GLU A 100 17.87 -14.60 -19.79
CA GLU A 100 18.44 -13.32 -19.39
C GLU A 100 17.33 -12.31 -19.10
N VAL A 101 16.21 -12.43 -19.80
CA VAL A 101 15.08 -11.54 -19.57
C VAL A 101 14.45 -11.79 -18.19
N HIS A 102 14.23 -13.06 -17.84
CA HIS A 102 13.70 -13.37 -16.54
C HIS A 102 14.66 -12.80 -15.45
N LEU A 103 15.98 -12.86 -15.71
CA LEU A 103 16.96 -12.37 -14.73
C LEU A 103 16.90 -10.86 -14.52
N GLN A 104 16.74 -10.13 -15.63
CA GLN A 104 16.56 -8.70 -15.56
C GLN A 104 15.17 -8.34 -14.94
N LEU A 105 14.15 -9.19 -15.10
CA LEU A 105 12.87 -8.88 -14.43
C LEU A 105 13.01 -8.90 -12.91
N THR A 106 13.89 -9.75 -12.39
CA THR A 106 14.07 -9.81 -10.94
C THR A 106 14.66 -8.49 -10.40
N LYS A 107 15.32 -7.72 -11.28
CA LYS A 107 15.92 -6.44 -10.91
C LYS A 107 14.91 -5.30 -10.95
N MET A 108 13.79 -5.53 -11.63
CA MET A 108 12.75 -4.50 -11.73
C MET A 108 11.48 -4.80 -10.87
N ILE A 109 11.31 -6.07 -10.52
CA ILE A 109 10.19 -6.54 -9.73
C ILE A 109 10.73 -7.26 -8.49
N LYS A 110 10.84 -6.51 -7.40
CA LYS A 110 11.57 -6.95 -6.20
C LYS A 110 10.98 -8.25 -5.62
N GLY A 111 11.84 -9.26 -5.40
CA GLY A 111 11.45 -10.55 -4.87
C GLY A 111 10.95 -11.55 -5.92
N ALA A 112 10.78 -11.12 -7.16
CA ALA A 112 10.31 -12.04 -8.21
C ALA A 112 11.32 -13.14 -8.48
N THR A 113 10.81 -14.35 -8.63
CA THR A 113 11.65 -15.53 -8.84
C THR A 113 11.10 -16.41 -9.93
N PRO A 114 11.23 -15.96 -11.17
CA PRO A 114 10.84 -16.80 -12.31
C PRO A 114 11.76 -17.98 -12.45
N PRO A 115 11.30 -19.05 -13.12
CA PRO A 115 12.11 -20.27 -13.21
C PRO A 115 13.36 -20.03 -14.07
N ARG A 116 14.38 -20.84 -13.87
CA ARG A 116 15.54 -20.84 -14.73
C ARG A 116 15.09 -21.48 -16.06
N LEU A 117 15.53 -20.94 -17.19
CA LEU A 117 15.14 -21.48 -18.49
C LEU A 117 16.34 -21.65 -19.44
N ILE A 118 17.18 -22.64 -19.20
CA ILE A 118 18.34 -22.87 -20.05
C ILE A 118 17.95 -23.38 -21.44
N ALA A 119 18.24 -22.61 -22.48
CA ALA A 119 17.98 -23.05 -23.85
C ALA A 119 19.27 -23.30 -24.65
N LYS A 120 19.29 -24.36 -25.45
CA LYS A 120 20.50 -24.65 -26.21
C LYS A 120 20.14 -24.95 -27.64
N PRO A 121 20.78 -24.29 -28.61
CA PRO A 121 20.52 -24.70 -29.99
C PRO A 121 21.19 -26.02 -30.22
N VAL A 122 20.41 -27.07 -30.26
CA VAL A 122 20.96 -28.41 -30.23
C VAL A 122 21.16 -28.98 -31.64
N ALA A 123 20.54 -28.35 -32.63
CA ALA A 123 20.58 -28.83 -34.00
C ALA A 123 20.35 -27.64 -34.93
N LYS A 124 20.49 -27.84 -36.24
CA LYS A 124 20.31 -26.77 -37.19
C LYS A 124 18.95 -26.07 -37.10
N ASP A 125 17.91 -26.81 -36.74
CA ASP A 125 16.56 -26.21 -36.70
C ASP A 125 15.77 -26.47 -35.41
N ALA A 126 16.46 -26.65 -34.30
CA ALA A 126 15.75 -26.88 -33.05
C ALA A 126 16.65 -26.48 -31.92
N ILE A 127 16.02 -26.13 -30.80
CA ILE A 127 16.70 -25.87 -29.58
C ILE A 127 16.17 -26.84 -28.53
N GLU A 128 16.95 -27.00 -27.47
CA GLU A 128 16.48 -27.57 -26.22
C GLU A 128 16.27 -26.47 -25.18
N MET A 129 15.13 -26.52 -24.51
CA MET A 129 14.83 -25.61 -23.43
C MET A 129 14.48 -26.42 -22.17
N GLU A 130 15.20 -26.16 -21.10
CA GLU A 130 14.99 -26.89 -19.87
C GLU A 130 14.37 -26.00 -18.82
N TYR A 131 13.18 -26.36 -18.39
CA TYR A 131 12.54 -25.63 -17.31
C TYR A 131 13.04 -26.15 -15.98
N VAL A 132 13.50 -25.25 -15.11
CA VAL A 132 14.00 -25.66 -13.81
C VAL A 132 13.46 -24.73 -12.71
N SER A 133 12.79 -25.28 -11.71
CA SER A 133 12.15 -24.41 -10.72
C SER A 133 12.01 -25.04 -9.35
N LYS A 134 11.85 -24.21 -8.33
CA LYS A 134 11.53 -24.80 -7.03
C LYS A 134 10.07 -25.13 -7.06
N ARG A 135 9.38 -24.72 -8.12
CA ARG A 135 7.92 -24.85 -8.18
C ARG A 135 7.69 -25.91 -9.24
N LYS A 136 6.44 -26.26 -9.51
CA LYS A 136 6.23 -27.30 -10.50
C LYS A 136 5.12 -26.93 -11.49
N MET A 137 5.38 -25.95 -12.33
CA MET A 137 4.33 -25.46 -13.20
C MET A 137 4.59 -25.77 -14.66
N TYR A 138 4.65 -27.08 -14.92
CA TYR A 138 4.98 -27.68 -16.21
C TYR A 138 4.03 -27.20 -17.31
N ASP A 139 2.73 -27.26 -17.03
CA ASP A 139 1.73 -26.90 -18.03
C ASP A 139 1.67 -25.39 -18.31
N TYR A 140 1.92 -24.57 -17.30
CA TYR A 140 2.04 -23.12 -17.54
C TYR A 140 3.22 -22.83 -18.51
N PHE A 141 4.37 -23.45 -18.24
CA PHE A 141 5.58 -23.39 -19.07
C PHE A 141 5.24 -23.70 -20.53
N LEU A 142 4.55 -24.82 -20.75
CA LEU A 142 4.25 -25.27 -22.10
C LEU A 142 3.26 -24.33 -22.81
N GLY A 143 2.24 -23.85 -22.11
CA GLY A 143 1.30 -22.92 -22.68
C GLY A 143 1.96 -21.60 -23.08
N LEU A 144 2.89 -21.14 -22.26
CA LEU A 144 3.60 -19.90 -22.57
C LEU A 144 4.43 -20.05 -23.84
N ILE A 145 4.98 -21.23 -24.05
CA ILE A 145 5.70 -21.54 -25.27
C ILE A 145 4.80 -21.50 -26.51
N GLU A 146 3.63 -22.15 -26.38
CA GLU A 146 2.61 -22.18 -27.43
C GLU A 146 2.11 -20.78 -27.67
N GLY A 147 1.87 -20.05 -26.59
CA GLY A 147 1.49 -18.64 -26.69
C GLY A 147 2.56 -17.84 -27.45
N SER A 148 3.83 -18.15 -27.22
CA SER A 148 4.91 -17.43 -27.95
C SER A 148 4.85 -17.70 -29.42
N SER A 149 4.58 -18.96 -29.73
CA SER A 149 4.49 -19.38 -31.11
C SER A 149 3.40 -18.59 -31.82
N LYS A 150 2.24 -18.50 -31.18
CA LYS A 150 1.14 -17.74 -31.76
C LYS A 150 1.48 -16.26 -31.90
N PHE A 151 2.07 -15.66 -30.87
CA PHE A 151 2.38 -14.22 -30.93
C PHE A 151 3.36 -13.90 -32.07
N PHE A 152 4.39 -14.73 -32.25
CA PHE A 152 5.40 -14.48 -33.28
C PHE A 152 5.01 -15.02 -34.64
N LYS A 153 3.87 -15.71 -34.72
CA LYS A 153 3.35 -16.27 -35.96
C LYS A 153 4.40 -17.19 -36.62
N GLU A 154 5.04 -18.03 -35.81
CA GLU A 154 6.00 -19.00 -36.31
C GLU A 154 5.69 -20.38 -35.73
N GLU A 155 5.39 -21.35 -36.59
CA GLU A 155 5.03 -22.67 -36.10
C GLU A 155 6.20 -23.48 -35.55
N ILE A 156 5.89 -24.22 -34.50
CA ILE A 156 6.87 -25.05 -33.86
C ILE A 156 6.25 -26.39 -33.63
N SER A 157 7.11 -27.35 -33.41
CA SER A 157 6.75 -28.64 -32.88
C SER A 157 7.45 -28.80 -31.55
N VAL A 158 6.73 -29.23 -30.52
CA VAL A 158 7.35 -29.31 -29.21
C VAL A 158 7.36 -30.74 -28.70
N GLU A 159 8.53 -31.24 -28.37
CA GLU A 159 8.55 -32.60 -27.84
C GLU A 159 9.20 -32.70 -26.45
N GLU A 160 8.51 -33.35 -25.55
CA GLU A 160 9.07 -33.56 -24.23
C GLU A 160 10.16 -34.59 -24.27
N VAL A 161 11.27 -34.29 -23.63
CA VAL A 161 12.42 -35.15 -23.66
C VAL A 161 12.66 -35.77 -22.29
N GLU A 162 12.30 -35.04 -21.24
CA GLU A 162 12.62 -35.47 -19.89
C GLU A 162 11.89 -34.64 -18.91
N ARG A 163 11.45 -35.23 -17.80
CA ARG A 163 10.86 -34.47 -16.69
C ARG A 163 11.19 -35.19 -15.40
N GLY A 164 11.19 -34.46 -14.29
CA GLY A 164 11.54 -35.08 -13.03
C GLY A 164 11.75 -34.06 -11.93
N GLU A 165 11.62 -34.53 -10.69
CA GLU A 165 11.89 -33.73 -9.50
C GLU A 165 12.98 -34.36 -8.65
N LYS A 166 13.99 -33.60 -8.27
CA LYS A 166 15.03 -34.05 -7.33
C LYS A 166 15.41 -32.95 -6.34
N ASP A 167 15.62 -33.35 -5.09
CA ASP A 167 15.88 -32.50 -3.93
C ASP A 167 15.18 -31.15 -4.04
N GLY A 168 13.86 -31.20 -4.12
CA GLY A 168 13.04 -30.00 -4.19
C GLY A 168 12.99 -29.21 -5.51
N PHE A 169 13.70 -29.65 -6.55
CA PHE A 169 13.63 -29.00 -7.87
C PHE A 169 12.97 -29.83 -8.92
N SER A 170 12.01 -29.20 -9.61
CA SER A 170 11.39 -29.75 -10.79
C SER A 170 12.08 -29.31 -12.07
N ARG A 171 12.25 -30.23 -13.00
CA ARG A 171 12.85 -29.99 -14.32
C ARG A 171 12.00 -30.59 -15.41
N LEU A 172 11.94 -29.89 -16.52
CA LEU A 172 11.24 -30.37 -17.69
C LEU A 172 12.03 -29.94 -18.90
N LYS A 173 12.45 -30.91 -19.70
CA LYS A 173 13.17 -30.58 -20.93
C LYS A 173 12.33 -30.87 -22.15
N VAL A 174 12.22 -29.88 -23.02
CA VAL A 174 11.54 -30.07 -24.29
C VAL A 174 12.45 -29.77 -25.42
N ARG A 175 12.15 -30.42 -26.54
CA ARG A 175 12.80 -30.11 -27.80
C ARG A 175 11.82 -29.34 -28.67
N ILE A 176 12.26 -28.19 -29.17
CA ILE A 176 11.41 -27.32 -29.96
C ILE A 176 11.89 -27.19 -31.39
N LYS A 177 11.08 -27.69 -32.33
CA LYS A 177 11.52 -27.67 -33.74
C LYS A 177 10.92 -26.55 -34.57
N PHE A 178 11.76 -25.85 -35.33
CA PHE A 178 11.26 -24.76 -36.15
C PHE A 178 11.24 -25.18 -37.60
N LYS A 179 10.51 -24.41 -38.39
CA LYS A 179 10.42 -24.60 -39.82
C LYS A 179 11.65 -24.03 -40.54
N ASN A 180 12.37 -23.13 -39.87
CA ASN A 180 13.56 -22.48 -40.46
C ASN A 180 14.80 -22.65 -39.59
N PRO A 181 15.99 -22.53 -40.17
CA PRO A 181 17.19 -22.68 -39.37
C PRO A 181 17.43 -21.60 -38.30
N VAL A 182 18.02 -22.02 -37.19
CA VAL A 182 18.39 -21.12 -36.09
C VAL A 182 19.50 -20.14 -36.50
N PHE A 183 20.56 -20.66 -37.11
CA PHE A 183 21.64 -19.83 -37.61
C PHE A 183 21.74 -20.00 -39.10
N GLU A 184 20.80 -19.35 -39.79
CA GLU A 184 20.67 -19.46 -41.25
C GLU A 184 21.83 -18.81 -41.97
N TYR A 185 22.44 -19.49 -42.95
CA TYR A 185 23.31 -18.77 -43.88
C TYR A 185 22.53 -18.34 -45.13
N LYS A 186 22.59 -17.04 -45.42
CA LYS A 186 21.92 -16.44 -46.59
C LYS A 186 20.48 -16.83 -46.71
N MET B 1 33.00 14.81 -12.86
CA MET B 1 32.11 14.41 -13.92
C MET B 1 32.90 14.16 -15.22
N LYS B 2 32.40 13.28 -16.05
CA LYS B 2 33.00 13.01 -17.34
C LYS B 2 32.75 14.14 -18.35
N GLY B 3 33.74 14.42 -19.18
CA GLY B 3 33.60 15.46 -20.16
C GLY B 3 32.42 15.30 -21.10
N THR B 4 32.03 14.07 -21.38
CA THR B 4 30.90 13.81 -22.26
C THR B 4 29.68 14.62 -21.88
N ILE B 5 29.28 14.50 -20.62
CA ILE B 5 28.06 15.11 -20.18
C ILE B 5 28.34 16.58 -19.93
N VAL B 6 29.55 16.93 -19.49
CA VAL B 6 29.87 18.34 -19.18
C VAL B 6 29.88 19.18 -20.45
N GLY B 7 30.41 18.62 -21.55
CA GLY B 7 30.40 19.30 -22.84
C GLY B 7 29.00 19.60 -23.28
N THR B 8 28.12 18.62 -23.12
CA THR B 8 26.71 18.82 -23.38
C THR B 8 26.08 19.93 -22.49
N TRP B 9 26.41 19.97 -21.20
CA TRP B 9 25.83 21.00 -20.32
C TRP B 9 26.20 22.40 -20.82
N ILE B 10 27.49 22.58 -21.13
CA ILE B 10 27.97 23.87 -21.62
C ILE B 10 27.17 24.27 -22.85
N LYS B 11 26.99 23.35 -23.80
CA LYS B 11 26.29 23.73 -25.02
C LYS B 11 24.86 24.02 -24.73
N THR B 12 24.26 23.29 -23.78
CA THR B 12 22.88 23.53 -23.37
C THR B 12 22.75 24.90 -22.67
N LEU B 13 23.68 25.21 -21.78
CA LEU B 13 23.68 26.53 -21.19
C LEU B 13 23.85 27.64 -22.29
N ARG B 14 24.64 27.41 -23.34
CA ARG B 14 24.80 28.40 -24.42
C ARG B 14 23.51 28.68 -25.23
N ASP B 15 22.78 27.62 -25.56
CA ASP B 15 21.48 27.74 -26.23
C ASP B 15 20.46 28.44 -25.36
N LEU B 16 20.51 28.19 -24.06
CA LEU B 16 19.50 28.74 -23.16
C LEU B 16 19.79 30.21 -22.81
N TYR B 17 21.05 30.56 -22.48
CA TYR B 17 21.31 31.88 -21.89
C TYR B 17 22.33 32.75 -22.65
N GLY B 18 22.89 32.21 -23.72
CA GLY B 18 23.80 32.92 -24.60
C GLY B 18 25.27 32.65 -24.44
N ASN B 19 26.02 32.88 -25.52
CA ASN B 19 27.45 32.67 -25.48
C ASN B 19 28.23 33.54 -24.54
N ASP B 20 27.82 34.80 -24.39
CA ASP B 20 28.60 35.69 -23.59
C ASP B 20 28.48 35.39 -22.12
N VAL B 21 27.31 34.87 -21.73
CA VAL B 21 27.04 34.50 -20.35
C VAL B 21 27.88 33.27 -19.99
N VAL B 22 27.91 32.29 -20.88
CA VAL B 22 28.66 31.05 -20.61
C VAL B 22 30.16 31.30 -20.67
N ASP B 23 30.62 32.04 -21.67
CA ASP B 23 32.04 32.37 -21.76
C ASP B 23 32.53 33.02 -20.47
N GLU B 24 31.78 34.01 -20.00
CA GLU B 24 32.22 34.74 -18.82
C GLU B 24 32.18 33.82 -17.60
N SER B 25 31.18 32.94 -17.56
CA SER B 25 31.09 31.97 -16.51
C SER B 25 32.25 31.01 -16.59
N LEU B 26 32.61 30.58 -17.80
CA LEU B 26 33.78 29.74 -17.92
C LEU B 26 35.03 30.48 -17.46
N LYS B 27 35.22 31.71 -17.93
CA LYS B 27 36.36 32.51 -17.46
C LYS B 27 36.40 32.69 -15.93
N SER B 28 35.26 32.89 -15.30
CA SER B 28 35.25 33.11 -13.86
C SER B 28 35.84 31.95 -13.05
N VAL B 29 35.87 30.75 -13.62
CA VAL B 29 36.52 29.63 -12.91
C VAL B 29 37.89 29.26 -13.51
N GLY B 30 38.39 30.08 -14.42
CA GLY B 30 39.73 29.87 -14.94
C GLY B 30 39.83 28.91 -16.11
N TRP B 31 38.76 28.76 -16.86
CA TRP B 31 38.79 27.96 -18.05
C TRP B 31 38.83 28.88 -19.25
N GLU B 32 39.42 28.41 -20.34
CA GLU B 32 39.22 29.07 -21.62
C GLU B 32 37.75 28.99 -21.88
N PRO B 33 37.15 30.10 -22.29
CA PRO B 33 35.70 30.15 -22.54
C PRO B 33 35.34 29.11 -23.61
N ASP B 34 36.30 28.76 -24.44
CA ASP B 34 36.11 27.78 -25.50
C ASP B 34 36.79 26.45 -25.18
N ARG B 35 36.92 26.11 -23.89
CA ARG B 35 37.63 24.86 -23.54
C ARG B 35 37.16 23.65 -24.35
N VAL B 36 38.12 22.92 -24.93
CA VAL B 36 37.86 21.71 -25.68
C VAL B 36 37.83 20.58 -24.63
N ILE B 37 36.73 19.85 -24.54
CA ILE B 37 36.57 18.80 -23.55
C ILE B 37 36.41 17.42 -24.19
N THR B 38 37.25 16.45 -23.85
CA THR B 38 37.12 15.14 -24.55
C THR B 38 36.09 14.29 -23.81
N PRO B 39 35.58 13.24 -24.47
CA PRO B 39 34.50 12.50 -23.80
C PRO B 39 34.92 11.89 -22.46
N LEU B 40 36.17 11.49 -22.32
CA LEU B 40 36.54 10.74 -21.12
C LEU B 40 37.36 11.53 -20.09
N GLU B 41 37.67 12.80 -20.33
CA GLU B 41 38.42 13.51 -19.28
C GLU B 41 37.59 13.83 -18.04
N ASP B 42 38.28 13.94 -16.92
CA ASP B 42 37.60 14.18 -15.64
C ASP B 42 37.51 15.65 -15.28
N ILE B 43 36.29 16.14 -15.19
CA ILE B 43 36.08 17.56 -14.94
C ILE B 43 35.70 17.71 -13.49
N ASP B 44 36.38 18.62 -12.78
CA ASP B 44 36.07 18.86 -11.38
C ASP B 44 34.63 19.32 -11.14
N ASP B 45 33.92 18.61 -10.27
CA ASP B 45 32.50 18.91 -10.02
C ASP B 45 32.27 20.31 -9.45
N ASP B 46 33.19 20.74 -8.58
CA ASP B 46 33.11 22.05 -7.93
C ASP B 46 33.28 23.20 -8.93
N GLU B 47 34.05 22.98 -9.97
CA GLU B 47 34.20 23.97 -11.03
C GLU B 47 32.87 24.11 -11.80
N VAL B 48 32.26 22.96 -12.08
CA VAL B 48 30.94 22.95 -12.70
C VAL B 48 29.93 23.66 -11.81
N ARG B 49 29.96 23.34 -10.51
CA ARG B 49 29.08 23.98 -9.54
C ARG B 49 29.25 25.50 -9.63
N ARG B 50 30.49 25.96 -9.69
CA ARG B 50 30.78 27.39 -9.75
C ARG B 50 30.34 28.00 -11.09
N ILE B 51 30.53 27.29 -12.21
CA ILE B 51 30.08 27.77 -13.52
C ILE B 51 28.58 28.02 -13.49
N PHE B 52 27.86 27.05 -12.95
CA PHE B 52 26.43 27.16 -12.87
C PHE B 52 25.96 28.28 -11.96
N ALA B 53 26.69 28.52 -10.86
CA ALA B 53 26.39 29.63 -9.94
C ALA B 53 26.51 30.99 -10.62
N LYS B 54 27.59 31.18 -11.36
CA LYS B 54 27.84 32.42 -12.05
C LYS B 54 26.78 32.64 -13.11
N VAL B 55 26.36 31.58 -13.80
CA VAL B 55 25.29 31.72 -14.77
C VAL B 55 23.98 32.16 -14.08
N SER B 56 23.72 31.62 -12.90
CA SER B 56 22.56 32.00 -12.15
C SER B 56 22.64 33.48 -11.73
N GLU B 57 23.81 33.89 -11.25
CA GLU B 57 24.03 35.28 -10.89
C GLU B 57 23.76 36.23 -12.08
N LYS B 58 24.18 35.84 -13.29
CA LYS B 58 24.11 36.75 -14.43
C LYS B 58 22.72 36.78 -15.09
N THR B 59 21.97 35.68 -15.00
CA THR B 59 20.68 35.58 -15.67
C THR B 59 19.61 35.96 -14.71
N GLY B 60 19.90 35.83 -13.42
CA GLY B 60 18.88 36.07 -12.43
C GLY B 60 18.03 34.83 -12.18
N LYS B 61 18.27 33.76 -12.93
CA LYS B 61 17.47 32.56 -12.71
C LYS B 61 18.04 31.77 -11.55
N ASN B 62 17.18 31.23 -10.69
CA ASN B 62 17.67 30.39 -9.61
C ASN B 62 18.38 29.18 -10.23
N VAL B 63 19.50 28.78 -9.65
CA VAL B 63 20.26 27.66 -10.19
C VAL B 63 19.42 26.37 -10.24
N ASN B 64 18.58 26.13 -9.22
CA ASN B 64 17.72 24.98 -9.23
C ASN B 64 16.89 24.94 -10.50
N GLU B 65 16.35 26.09 -10.86
CA GLU B 65 15.51 26.13 -12.04
C GLU B 65 16.38 25.90 -13.28
N ILE B 66 17.64 26.30 -13.20
CA ILE B 66 18.54 26.09 -14.32
C ILE B 66 18.80 24.58 -14.50
N TRP B 67 19.16 23.88 -13.43
CA TRP B 67 19.30 22.44 -13.55
C TRP B 67 18.06 21.73 -14.12
N ARG B 68 16.88 22.15 -13.67
CA ARG B 68 15.68 21.47 -14.08
C ARG B 68 15.50 21.59 -15.60
N GLU B 69 15.73 22.79 -16.11
CA GLU B 69 15.64 23.03 -17.55
C GLU B 69 16.74 22.30 -18.35
N VAL B 70 17.95 22.25 -17.81
CA VAL B 70 19.03 21.53 -18.50
C VAL B 70 18.66 20.04 -18.58
N GLY B 71 18.11 19.52 -17.48
CA GLY B 71 17.56 18.17 -17.44
C GLY B 71 16.46 17.90 -18.44
N ARG B 72 15.51 18.83 -18.59
CA ARG B 72 14.46 18.70 -19.61
C ARG B 72 15.03 18.58 -21.02
N GLN B 73 16.01 19.43 -21.32
CA GLN B 73 16.62 19.47 -22.64
C GLN B 73 17.47 18.24 -22.88
N ASN B 74 18.15 17.73 -21.86
CA ASN B 74 19.16 16.70 -22.13
C ASN B 74 18.57 15.35 -22.61
N ILE B 75 17.30 15.06 -22.25
CA ILE B 75 16.68 13.81 -22.69
C ILE B 75 16.77 13.67 -24.20
N LYS B 76 16.45 14.74 -24.92
CA LYS B 76 16.53 14.74 -26.38
C LYS B 76 17.92 14.38 -26.89
N THR B 77 18.90 14.99 -26.25
CA THR B 77 20.28 14.75 -26.58
C THR B 77 20.69 13.29 -26.37
N PHE B 78 20.33 12.71 -25.23
CA PHE B 78 20.62 11.30 -24.94
C PHE B 78 20.00 10.37 -25.96
N SER B 79 18.81 10.75 -26.44
CA SER B 79 18.10 9.93 -27.42
C SER B 79 18.77 10.00 -28.78
N GLU B 80 19.54 11.06 -29.01
CA GLU B 80 20.34 11.10 -30.23
C GLU B 80 21.61 10.26 -30.06
N TRP B 81 22.20 10.27 -28.87
CA TRP B 81 23.38 9.45 -28.57
C TRP B 81 23.08 7.95 -28.63
N PHE B 82 22.01 7.55 -27.96
CA PHE B 82 21.72 6.13 -27.82
C PHE B 82 20.24 5.87 -28.07
N PRO B 83 19.83 5.99 -29.33
CA PRO B 83 18.40 5.86 -29.68
C PRO B 83 17.80 4.51 -29.30
N SER B 84 18.62 3.45 -29.22
CA SER B 84 18.09 2.11 -29.01
C SER B 84 17.70 1.90 -27.54
N TYR B 85 18.12 2.79 -26.65
CA TYR B 85 17.66 2.73 -25.26
C TYR B 85 16.26 3.34 -25.15
N PHE B 86 15.83 4.09 -26.16
CA PHE B 86 14.50 4.74 -26.11
C PHE B 86 13.48 3.97 -26.91
N ALA B 87 13.91 3.41 -28.05
CA ALA B 87 13.02 2.82 -29.05
C ALA B 87 12.13 1.71 -28.49
N GLY B 88 10.87 1.75 -28.87
CA GLY B 88 9.93 0.70 -28.50
C GLY B 88 9.65 0.52 -27.01
N ARG B 89 9.98 1.51 -26.19
CA ARG B 89 9.71 1.40 -24.76
C ARG B 89 8.45 2.20 -24.41
N ARG B 90 7.76 1.77 -23.37
CA ARG B 90 6.78 2.64 -22.73
C ARG B 90 7.54 3.51 -21.76
N LEU B 91 7.01 4.66 -21.42
CA LEU B 91 7.72 5.54 -20.49
C LEU B 91 8.06 4.77 -19.23
N VAL B 92 7.08 4.05 -18.71
CA VAL B 92 7.23 3.36 -17.47
C VAL B 92 8.28 2.29 -17.62
N ASN B 93 8.39 1.66 -18.79
CA ASN B 93 9.50 0.75 -19.07
C ASN B 93 10.84 1.51 -18.97
N PHE B 94 10.87 2.63 -19.66
CA PHE B 94 12.08 3.43 -19.75
C PHE B 94 12.60 3.76 -18.37
N LEU B 95 11.70 4.21 -17.50
CA LEU B 95 12.10 4.63 -16.15
C LEU B 95 12.54 3.42 -15.31
N MET B 96 11.80 2.31 -15.43
CA MET B 96 12.12 1.16 -14.62
C MET B 96 13.42 0.54 -15.09
N MET B 97 13.76 0.73 -16.36
CA MET B 97 14.99 0.11 -16.91
C MET B 97 16.22 0.97 -16.69
N MET B 98 15.97 2.20 -16.22
CA MET B 98 17.03 3.19 -16.26
C MET B 98 18.23 2.79 -15.37
N ASP B 99 18.01 2.12 -14.26
CA ASP B 99 19.16 1.75 -13.46
C ASP B 99 20.10 0.83 -14.25
N GLU B 100 19.54 -0.15 -14.98
CA GLU B 100 20.37 -1.10 -15.73
C GLU B 100 21.07 -0.42 -16.92
N VAL B 101 20.41 0.57 -17.51
CA VAL B 101 21.02 1.30 -18.62
C VAL B 101 22.22 2.09 -18.12
N HIS B 102 22.04 2.74 -16.98
CA HIS B 102 23.12 3.50 -16.38
C HIS B 102 24.29 2.53 -16.09
N LEU B 103 24.01 1.28 -15.71
CA LEU B 103 25.07 0.32 -15.46
C LEU B 103 25.78 -0.05 -16.74
N GLN B 104 25.00 -0.28 -17.81
CA GLN B 104 25.64 -0.66 -19.04
C GLN B 104 26.46 0.51 -19.59
N LEU B 105 25.99 1.73 -19.33
CA LEU B 105 26.74 2.91 -19.72
C LEU B 105 28.09 2.98 -18.96
N THR B 106 28.16 2.54 -17.70
CA THR B 106 29.46 2.57 -17.00
C THR B 106 30.47 1.66 -17.68
N LYS B 107 29.97 0.67 -18.43
CA LYS B 107 30.85 -0.24 -19.10
C LYS B 107 31.29 0.35 -20.44
N MET B 108 30.59 1.39 -20.90
CA MET B 108 30.97 2.02 -22.16
C MET B 108 31.67 3.38 -22.00
N ILE B 109 31.46 4.02 -20.87
CA ILE B 109 32.11 5.33 -20.67
C ILE B 109 32.92 5.23 -19.39
N LYS B 110 34.18 4.83 -19.57
CA LYS B 110 34.98 4.37 -18.44
C LYS B 110 35.06 5.46 -17.38
N GLY B 111 34.68 5.09 -16.16
CA GLY B 111 34.72 5.99 -15.04
C GLY B 111 33.46 6.80 -14.81
N ALA B 112 32.47 6.65 -15.66
CA ALA B 112 31.21 7.36 -15.42
C ALA B 112 30.59 6.80 -14.17
N THR B 113 30.01 7.67 -13.34
CA THR B 113 29.35 7.20 -12.14
C THR B 113 28.00 7.89 -12.01
N PRO B 114 27.06 7.49 -12.84
CA PRO B 114 25.71 8.05 -12.74
C PRO B 114 25.06 7.58 -11.44
N PRO B 115 24.03 8.30 -10.98
CA PRO B 115 23.40 7.96 -9.71
C PRO B 115 22.74 6.58 -9.78
N ARG B 116 22.54 5.95 -8.62
CA ARG B 116 21.70 4.76 -8.54
C ARG B 116 20.26 5.25 -8.64
N LEU B 117 19.40 4.47 -9.28
CA LEU B 117 17.98 4.81 -9.42
C LEU B 117 17.12 3.58 -9.08
N ILE B 118 16.83 3.37 -7.82
CA ILE B 118 15.96 2.25 -7.51
C ILE B 118 14.53 2.62 -7.90
N ALA B 119 13.96 1.91 -8.88
CA ALA B 119 12.57 2.12 -9.27
C ALA B 119 11.70 0.91 -8.88
N LYS B 120 10.52 1.17 -8.34
CA LYS B 120 9.63 0.09 -7.86
C LYS B 120 8.17 0.28 -8.25
N PRO B 121 7.54 -0.75 -8.80
CA PRO B 121 6.09 -0.66 -9.02
C PRO B 121 5.31 -0.71 -7.70
N VAL B 122 4.75 0.42 -7.34
CA VAL B 122 4.18 0.61 -6.02
C VAL B 122 2.68 0.47 -5.99
N ALA B 123 2.07 0.65 -7.14
CA ALA B 123 0.63 0.59 -7.23
C ALA B 123 0.35 0.24 -8.66
N LYS B 124 -0.89 -0.03 -9.00
CA LYS B 124 -1.19 -0.41 -10.37
C LYS B 124 -0.80 0.61 -11.42
N ASP B 125 -0.92 1.88 -11.11
CA ASP B 125 -0.63 2.87 -12.15
C ASP B 125 0.39 3.85 -11.63
N ALA B 126 1.29 3.37 -10.78
CA ALA B 126 2.30 4.24 -10.22
C ALA B 126 3.58 3.49 -9.89
N ILE B 127 4.70 4.19 -9.98
CA ILE B 127 5.96 3.67 -9.50
C ILE B 127 6.57 4.62 -8.52
N GLU B 128 7.51 4.10 -7.74
CA GLU B 128 8.43 4.92 -6.97
C GLU B 128 9.80 4.84 -7.57
N MET B 129 10.43 6.01 -7.66
CA MET B 129 11.80 6.10 -8.08
C MET B 129 12.64 6.82 -7.06
N GLU B 130 13.70 6.16 -6.61
CA GLU B 130 14.59 6.77 -5.64
C GLU B 130 15.95 7.05 -6.27
N TYR B 131 16.33 8.32 -6.28
CA TYR B 131 17.64 8.81 -6.73
C TYR B 131 18.61 8.71 -5.57
N VAL B 132 19.74 8.05 -5.80
CA VAL B 132 20.74 7.89 -4.75
C VAL B 132 22.12 8.19 -5.33
N SER B 133 22.78 9.18 -4.75
CA SER B 133 24.03 9.70 -5.28
C SER B 133 24.91 10.41 -4.24
N LYS B 134 26.21 10.48 -4.50
CA LYS B 134 27.09 11.31 -3.69
C LYS B 134 27.10 12.77 -4.16
N ARG B 135 26.25 13.13 -5.13
CA ARG B 135 26.29 14.47 -5.78
C ARG B 135 25.11 15.44 -5.59
N LYS B 136 24.00 14.98 -5.03
CA LYS B 136 22.83 15.84 -4.80
C LYS B 136 22.45 16.77 -5.98
N MET B 137 21.99 16.19 -7.07
CA MET B 137 21.54 16.95 -8.22
C MET B 137 20.05 16.74 -8.37
N TYR B 138 19.35 17.14 -7.33
CA TYR B 138 17.93 16.91 -7.23
C TYR B 138 17.15 17.44 -8.42
N ASP B 139 17.39 18.70 -8.77
CA ASP B 139 16.58 19.40 -9.79
C ASP B 139 16.87 18.86 -11.14
N TYR B 140 18.11 18.49 -11.32
CA TYR B 140 18.52 17.87 -12.57
C TYR B 140 17.82 16.55 -12.80
N PHE B 141 17.80 15.72 -11.76
CA PHE B 141 17.03 14.50 -11.71
C PHE B 141 15.56 14.79 -12.08
N LEU B 142 14.98 15.80 -11.45
CA LEU B 142 13.58 16.08 -11.73
C LEU B 142 13.41 16.54 -13.18
N GLY B 143 14.35 17.34 -13.68
CA GLY B 143 14.28 17.72 -15.08
C GLY B 143 14.32 16.56 -16.08
N LEU B 144 15.17 15.56 -15.82
CA LEU B 144 15.32 14.42 -16.73
C LEU B 144 14.01 13.63 -16.75
N ILE B 145 13.39 13.48 -15.60
CA ILE B 145 12.07 12.82 -15.54
C ILE B 145 11.04 13.56 -16.39
N GLU B 146 10.98 14.88 -16.24
CA GLU B 146 10.08 15.72 -17.01
C GLU B 146 10.40 15.63 -18.50
N GLY B 147 11.69 15.68 -18.86
CA GLY B 147 12.08 15.52 -20.26
C GLY B 147 11.67 14.20 -20.87
N SER B 148 11.74 13.14 -20.09
CA SER B 148 11.34 11.80 -20.55
C SER B 148 9.85 11.74 -20.87
N SER B 149 9.04 12.39 -20.01
CA SER B 149 7.60 12.45 -20.19
C SER B 149 7.20 13.08 -21.51
N LYS B 150 7.80 14.22 -21.80
CA LYS B 150 7.60 14.89 -23.08
C LYS B 150 8.09 14.05 -24.25
N PHE B 151 9.25 13.42 -24.11
CA PHE B 151 9.79 12.61 -25.20
C PHE B 151 8.85 11.44 -25.57
N PHE B 152 8.34 10.76 -24.56
CA PHE B 152 7.52 9.59 -24.81
C PHE B 152 6.07 9.97 -25.03
N LYS B 153 5.78 11.27 -24.84
CA LYS B 153 4.43 11.84 -24.96
C LYS B 153 3.42 11.16 -24.03
N GLU B 154 3.82 10.90 -22.79
CA GLU B 154 2.92 10.32 -21.80
C GLU B 154 2.89 11.26 -20.63
N GLU B 155 1.72 11.81 -20.33
CA GLU B 155 1.63 12.74 -19.23
C GLU B 155 1.70 11.97 -17.93
N ILE B 156 2.38 12.55 -16.96
CA ILE B 156 2.54 11.94 -15.66
C ILE B 156 2.33 12.99 -14.57
N SER B 157 2.06 12.58 -13.33
CA SER B 157 2.20 13.51 -12.23
C SER B 157 3.33 13.02 -11.32
N VAL B 158 4.19 13.92 -10.90
CA VAL B 158 5.31 13.54 -10.09
C VAL B 158 5.30 14.27 -8.75
N GLU B 159 5.28 13.52 -7.66
CA GLU B 159 5.34 14.15 -6.37
C GLU B 159 6.51 13.65 -5.60
N GLU B 160 7.30 14.58 -5.09
CA GLU B 160 8.41 14.22 -4.23
C GLU B 160 7.87 13.79 -2.84
N VAL B 161 8.34 12.64 -2.37
CA VAL B 161 7.83 12.09 -1.13
C VAL B 161 8.93 11.94 -0.13
N GLU B 162 10.18 12.10 -0.59
CA GLU B 162 11.32 11.89 0.28
C GLU B 162 12.57 12.62 -0.20
N ARG B 163 13.19 13.40 0.70
CA ARG B 163 14.42 14.16 0.40
C ARG B 163 15.29 14.23 1.64
N GLY B 164 16.57 13.93 1.49
CA GLY B 164 17.45 13.85 2.64
C GLY B 164 18.81 13.30 2.30
N GLU B 165 19.80 13.61 3.13
CA GLU B 165 21.16 13.19 2.87
C GLU B 165 21.60 12.14 3.89
N LYS B 166 20.89 11.01 3.87
CA LYS B 166 21.13 9.86 4.74
C LYS B 166 22.60 9.57 5.03
N ASP B 167 23.24 8.90 4.08
CA ASP B 167 24.64 8.53 4.23
C ASP B 167 25.55 9.65 3.74
N GLY B 168 26.56 9.28 2.95
CA GLY B 168 27.43 10.22 2.24
C GLY B 168 26.68 10.47 0.95
N PHE B 169 25.51 9.85 0.93
CA PHE B 169 24.62 9.83 -0.19
C PHE B 169 23.44 10.74 -0.01
N SER B 170 23.17 11.54 -1.02
CA SER B 170 21.92 12.27 -1.06
C SER B 170 20.89 11.30 -1.62
N ARG B 171 19.67 11.37 -1.13
CA ARG B 171 18.57 10.56 -1.62
C ARG B 171 17.33 11.39 -1.85
N LEU B 172 16.62 11.11 -2.95
CA LEU B 172 15.38 11.80 -3.30
C LEU B 172 14.42 10.75 -3.88
N LYS B 173 13.26 10.57 -3.24
CA LYS B 173 12.25 9.61 -3.74
C LYS B 173 11.04 10.34 -4.28
N VAL B 174 10.61 9.94 -5.49
CA VAL B 174 9.42 10.53 -6.04
C VAL B 174 8.40 9.47 -6.32
N ARG B 175 7.13 9.88 -6.24
CA ARG B 175 6.02 9.02 -6.67
C ARG B 175 5.56 9.46 -8.05
N ILE B 176 5.52 8.54 -9.01
CA ILE B 176 5.21 8.90 -10.38
C ILE B 176 3.93 8.24 -10.86
N LYS B 177 2.91 9.04 -11.14
CA LYS B 177 1.64 8.45 -11.51
C LYS B 177 1.42 8.55 -12.99
N PHE B 178 1.01 7.45 -13.60
CA PHE B 178 0.75 7.36 -15.04
C PHE B 178 -0.73 7.38 -15.33
N LYS B 179 -1.07 7.66 -16.59
CA LYS B 179 -2.47 7.64 -17.01
C LYS B 179 -2.89 6.18 -17.37
N ASN B 180 -1.89 5.29 -17.41
CA ASN B 180 -2.03 3.87 -17.75
C ASN B 180 -1.57 2.95 -16.62
N PRO B 181 -2.08 1.72 -16.57
CA PRO B 181 -1.52 0.79 -15.57
C PRO B 181 -0.05 0.41 -15.93
N VAL B 182 0.78 0.16 -14.93
CA VAL B 182 2.16 -0.29 -15.13
C VAL B 182 2.17 -1.63 -15.83
N PHE B 183 1.38 -2.55 -15.31
CA PHE B 183 1.21 -3.87 -15.90
C PHE B 183 -0.20 -4.06 -16.38
N GLU B 184 -0.54 -3.40 -17.49
CA GLU B 184 -1.91 -3.44 -18.00
C GLU B 184 -2.26 -4.75 -18.69
N TYR B 185 -3.47 -5.25 -18.43
CA TYR B 185 -3.93 -6.47 -19.04
C TYR B 185 -4.65 -6.20 -20.35
N MET C 1 -26.30 -14.71 7.68
CA MET C 1 -25.42 -14.38 8.78
C MET C 1 -24.00 -14.08 8.30
N LYS C 2 -23.31 -13.19 8.99
CA LYS C 2 -21.95 -12.82 8.67
C LYS C 2 -20.98 -13.90 9.12
N GLY C 3 -19.89 -14.07 8.37
CA GLY C 3 -18.91 -15.07 8.71
C GLY C 3 -18.27 -14.98 10.06
N THR C 4 -18.09 -13.77 10.55
CA THR C 4 -17.48 -13.53 11.84
C THR C 4 -18.12 -14.39 12.91
N ILE C 5 -19.45 -14.35 13.01
CA ILE C 5 -20.13 -15.08 14.04
C ILE C 5 -20.25 -16.54 13.64
N VAL C 6 -20.46 -16.82 12.36
CA VAL C 6 -20.62 -18.22 11.91
C VAL C 6 -19.33 -18.99 12.15
N GLY C 7 -18.18 -18.39 11.85
CA GLY C 7 -16.91 -19.04 12.11
C GLY C 7 -16.77 -19.38 13.58
N THR C 8 -17.17 -18.44 14.40
CA THR C 8 -17.18 -18.64 15.84
C THR C 8 -18.09 -19.80 16.27
N TRP C 9 -19.28 -19.85 15.69
CA TRP C 9 -20.23 -20.89 16.01
C TRP C 9 -19.67 -22.28 15.68
N ILE C 10 -19.09 -22.44 14.49
CA ILE C 10 -18.49 -23.71 14.06
C ILE C 10 -17.42 -24.19 15.06
N LYS C 11 -16.53 -23.29 15.47
CA LYS C 11 -15.49 -23.67 16.42
C LYS C 11 -16.07 -23.98 17.80
N THR C 12 -17.12 -23.26 18.17
CA THR C 12 -17.77 -23.55 19.42
C THR C 12 -18.40 -24.95 19.41
N LEU C 13 -19.02 -25.31 18.31
CA LEU C 13 -19.58 -26.64 18.13
C LEU C 13 -18.50 -27.73 18.18
N ARG C 14 -17.32 -27.44 17.63
CA ARG C 14 -16.25 -28.42 17.66
C ARG C 14 -15.79 -28.71 19.08
N ASP C 15 -15.61 -27.65 19.88
CA ASP C 15 -15.19 -27.80 21.28
C ASP C 15 -16.24 -28.58 22.05
N LEU C 16 -17.51 -28.35 21.72
CA LEU C 16 -18.63 -28.97 22.42
C LEU C 16 -18.86 -30.43 21.97
N TYR C 17 -18.83 -30.68 20.66
CA TYR C 17 -19.26 -31.96 20.15
C TYR C 17 -18.21 -32.68 19.34
N GLY C 18 -17.10 -32.01 19.05
CA GLY C 18 -15.99 -32.67 18.38
C GLY C 18 -15.90 -32.52 16.88
N ASN C 19 -14.71 -32.72 16.35
CA ASN C 19 -14.47 -32.55 14.92
C ASN C 19 -15.25 -33.48 14.00
N ASP C 20 -15.44 -34.73 14.39
CA ASP C 20 -16.08 -35.63 13.45
C ASP C 20 -17.56 -35.33 13.35
N VAL C 21 -18.18 -34.86 14.42
CA VAL C 21 -19.58 -34.50 14.36
C VAL C 21 -19.74 -33.27 13.49
N VAL C 22 -18.91 -32.26 13.73
CA VAL C 22 -19.01 -31.03 12.94
C VAL C 22 -18.56 -31.21 11.49
N ASP C 23 -17.48 -31.93 11.24
CA ASP C 23 -17.05 -32.18 9.86
C ASP C 23 -18.18 -32.78 9.04
N GLU C 24 -18.82 -33.81 9.59
CA GLU C 24 -19.85 -34.48 8.83
C GLU C 24 -21.12 -33.61 8.77
N SER C 25 -21.39 -32.81 9.80
CA SER C 25 -22.54 -31.93 9.67
C SER C 25 -22.30 -30.92 8.53
N LEU C 26 -21.08 -30.40 8.42
CA LEU C 26 -20.72 -29.50 7.34
C LEU C 26 -20.77 -30.14 5.98
N LYS C 27 -20.23 -31.34 5.87
CA LYS C 27 -20.32 -32.06 4.60
C LYS C 27 -21.78 -32.24 4.19
N SER C 28 -22.66 -32.54 5.15
CA SER C 28 -24.08 -32.82 4.88
C SER C 28 -24.84 -31.66 4.19
N VAL C 29 -24.35 -30.42 4.32
CA VAL C 29 -24.97 -29.33 3.56
C VAL C 29 -24.12 -28.86 2.37
N GLY C 30 -23.06 -29.62 2.03
CA GLY C 30 -22.24 -29.38 0.84
C GLY C 30 -21.06 -28.44 1.02
N TRP C 31 -20.58 -28.32 2.25
CA TRP C 31 -19.39 -27.51 2.51
C TRP C 31 -18.16 -28.36 2.70
N GLU C 32 -16.99 -27.78 2.45
CA GLU C 32 -15.75 -28.36 2.96
C GLU C 32 -15.82 -28.36 4.48
N PRO C 33 -15.47 -29.49 5.10
CA PRO C 33 -15.49 -29.62 6.54
C PRO C 33 -14.57 -28.58 7.14
N ASP C 34 -13.56 -28.21 6.37
CA ASP C 34 -12.60 -27.24 6.81
C ASP C 34 -12.78 -25.88 6.12
N ARG C 35 -14.02 -25.57 5.73
CA ARG C 35 -14.30 -24.32 5.02
C ARG C 35 -13.70 -23.08 5.70
N VAL C 36 -12.96 -22.30 4.92
CA VAL C 36 -12.38 -21.06 5.42
C VAL C 36 -13.43 -19.97 5.23
N ILE C 37 -13.73 -19.26 6.31
CA ILE C 37 -14.72 -18.19 6.33
C ILE C 37 -14.18 -16.83 6.72
N THR C 38 -14.31 -15.80 5.87
CA THR C 38 -13.83 -14.46 6.22
C THR C 38 -14.84 -13.68 7.02
N PRO C 39 -14.38 -12.68 7.77
CA PRO C 39 -15.37 -12.02 8.65
C PRO C 39 -16.60 -11.38 7.98
N LEU C 40 -16.50 -10.88 6.76
CA LEU C 40 -17.61 -10.15 6.17
C LEU C 40 -18.39 -10.96 5.14
N GLU C 41 -18.03 -12.22 4.98
CA GLU C 41 -18.76 -13.08 4.03
C GLU C 41 -20.21 -13.32 4.42
N ASP C 42 -21.09 -13.52 3.43
CA ASP C 42 -22.50 -13.79 3.74
C ASP C 42 -22.83 -15.29 3.76
N ILE C 43 -23.21 -15.81 4.93
CA ILE C 43 -23.46 -17.24 5.02
C ILE C 43 -24.97 -17.47 5.03
N ASP C 44 -25.46 -18.37 4.18
CA ASP C 44 -26.89 -18.66 4.14
C ASP C 44 -27.43 -19.16 5.48
N ASP C 45 -28.49 -18.49 6.00
CA ASP C 45 -29.09 -18.84 7.32
C ASP C 45 -29.66 -20.26 7.38
N ASP C 46 -30.30 -20.69 6.30
CA ASP C 46 -30.90 -22.02 6.27
C ASP C 46 -29.84 -23.13 6.27
N GLU C 47 -28.68 -22.87 5.66
CA GLU C 47 -27.62 -23.84 5.67
C GLU C 47 -27.12 -24.03 7.11
N VAL C 48 -27.01 -22.91 7.81
CA VAL C 48 -26.63 -22.88 9.22
C VAL C 48 -27.65 -23.66 10.01
N ARG C 49 -28.93 -23.43 9.72
CA ARG C 49 -30.02 -24.17 10.37
C ARG C 49 -29.82 -25.66 10.20
N ARG C 50 -29.47 -26.05 8.97
CA ARG C 50 -29.30 -27.46 8.63
C ARG C 50 -28.08 -28.05 9.31
N ILE C 51 -26.97 -27.29 9.39
CA ILE C 51 -25.78 -27.77 10.10
C ILE C 51 -26.10 -28.06 11.58
N PHE C 52 -26.79 -27.12 12.23
CA PHE C 52 -27.14 -27.30 13.63
C PHE C 52 -28.12 -28.48 13.80
N ALA C 53 -29.05 -28.62 12.87
CA ALA C 53 -29.98 -29.76 12.87
C ALA C 53 -29.20 -31.05 12.79
N LYS C 54 -28.14 -31.05 11.97
CA LYS C 54 -27.36 -32.26 11.79
C LYS C 54 -26.63 -32.60 13.08
N VAL C 55 -26.09 -31.57 13.72
CA VAL C 55 -25.37 -31.79 14.97
C VAL C 55 -26.34 -32.34 16.01
N SER C 56 -27.57 -31.84 16.01
CA SER C 56 -28.56 -32.34 16.93
C SER C 56 -28.88 -33.83 16.67
N GLU C 57 -29.04 -34.20 15.39
CA GLU C 57 -29.23 -35.61 15.05
C GLU C 57 -28.07 -36.50 15.48
N LYS C 58 -26.82 -36.05 15.33
CA LYS C 58 -25.69 -36.94 15.63
C LYS C 58 -25.37 -36.97 17.14
N THR C 59 -25.69 -35.91 17.87
CA THR C 59 -25.36 -35.82 19.29
C THR C 59 -26.49 -36.30 20.18
N GLY C 60 -27.71 -36.22 19.66
CA GLY C 60 -28.90 -36.53 20.42
C GLY C 60 -29.39 -35.33 21.23
N LYS C 61 -28.59 -34.27 21.27
CA LYS C 61 -29.01 -33.09 22.01
C LYS C 61 -29.97 -32.27 21.19
N ASN C 62 -30.97 -31.78 21.89
CA ASN C 62 -31.96 -30.91 21.30
C ASN C 62 -31.31 -29.62 20.78
N VAL C 63 -31.81 -29.14 19.65
CA VAL C 63 -31.29 -27.93 19.04
C VAL C 63 -31.35 -26.72 19.98
N ASN C 64 -32.45 -26.60 20.69
CA ASN C 64 -32.60 -25.52 21.65
C ASN C 64 -31.48 -25.54 22.70
N GLU C 65 -31.15 -26.73 23.17
CA GLU C 65 -30.12 -26.86 24.17
C GLU C 65 -28.72 -26.57 23.60
N ILE C 66 -28.53 -26.86 22.33
CA ILE C 66 -27.26 -26.61 21.72
C ILE C 66 -27.05 -25.12 21.55
N TRP C 67 -28.05 -24.44 21.00
CA TRP C 67 -28.02 -22.99 20.87
C TRP C 67 -27.74 -22.31 22.19
N ARG C 68 -28.39 -22.81 23.24
CA ARG C 68 -28.31 -22.21 24.56
C ARG C 68 -26.86 -22.24 25.01
N GLU C 69 -26.25 -23.40 24.83
CA GLU C 69 -24.86 -23.64 25.20
C GLU C 69 -23.88 -22.78 24.35
N VAL C 70 -24.15 -22.65 23.05
CA VAL C 70 -23.29 -21.83 22.20
C VAL C 70 -23.39 -20.37 22.69
N GLY C 71 -24.60 -19.94 22.97
CA GLY C 71 -24.85 -18.61 23.51
C GLY C 71 -24.10 -18.32 24.80
N ARG C 72 -24.14 -19.29 25.71
CA ARG C 72 -23.37 -19.24 26.95
C ARG C 72 -21.87 -19.09 26.71
N GLN C 73 -21.35 -19.86 25.77
CA GLN C 73 -19.92 -19.81 25.48
C GLN C 73 -19.52 -18.53 24.78
N ASN C 74 -20.39 -18.03 23.90
CA ASN C 74 -19.96 -16.95 23.01
C ASN C 74 -19.64 -15.62 23.74
N ILE C 75 -20.27 -15.37 24.89
CA ILE C 75 -20.07 -14.13 25.64
C ILE C 75 -18.59 -13.82 25.93
N LYS C 76 -17.86 -14.81 26.44
CA LYS C 76 -16.45 -14.65 26.74
C LYS C 76 -15.67 -14.31 25.48
N THR C 77 -16.03 -14.99 24.38
CA THR C 77 -15.40 -14.74 23.09
C THR C 77 -15.61 -13.30 22.65
N PHE C 78 -16.85 -12.79 22.76
CA PHE C 78 -17.18 -11.38 22.41
C PHE C 78 -16.36 -10.43 23.28
N SER C 79 -16.14 -10.80 24.53
CA SER C 79 -15.42 -9.92 25.45
C SER C 79 -13.97 -9.88 25.10
N GLU C 80 -13.50 -10.91 24.40
CA GLU C 80 -12.13 -10.86 23.90
C GLU C 80 -12.08 -10.03 22.58
N TRP C 81 -13.12 -10.09 21.75
CA TRP C 81 -13.16 -9.24 20.55
C TRP C 81 -13.19 -7.75 20.94
N PHE C 82 -14.09 -7.44 21.87
CA PHE C 82 -14.36 -6.05 22.24
C PHE C 82 -14.45 -5.79 23.73
N PRO C 83 -13.32 -5.88 24.42
CA PRO C 83 -13.30 -5.74 25.90
C PRO C 83 -13.85 -4.40 26.36
N SER C 84 -13.79 -3.37 25.53
CA SER C 84 -14.17 -2.07 26.03
C SER C 84 -15.69 -1.97 26.17
N TYR C 85 -16.44 -2.90 25.57
CA TYR C 85 -17.90 -2.92 25.75
C TYR C 85 -18.31 -3.56 27.10
N PHE C 86 -17.40 -4.29 27.72
CA PHE C 86 -17.69 -4.97 28.96
C PHE C 86 -17.13 -4.18 30.15
N ALA C 87 -15.95 -3.59 29.98
CA ALA C 87 -15.18 -2.96 31.04
C ALA C 87 -15.94 -1.86 31.83
N GLY C 88 -15.77 -1.91 33.14
CA GLY C 88 -16.29 -0.94 34.08
C GLY C 88 -17.81 -0.86 34.14
N ARG C 89 -18.51 -1.85 33.58
CA ARG C 89 -19.95 -1.83 33.66
C ARG C 89 -20.55 -2.82 34.68
N ARG C 90 -21.74 -2.47 35.19
CA ARG C 90 -22.62 -3.39 35.90
C ARG C 90 -23.38 -4.25 34.88
N LEU C 91 -23.79 -5.44 35.29
CA LEU C 91 -24.50 -6.32 34.36
C LEU C 91 -25.71 -5.58 33.79
N VAL C 92 -26.44 -4.92 34.69
CA VAL C 92 -27.64 -4.25 34.26
C VAL C 92 -27.28 -3.13 33.25
N ASN C 93 -26.12 -2.48 33.42
CA ASN C 93 -25.63 -1.52 32.43
C ASN C 93 -25.46 -2.17 31.07
N PHE C 94 -24.73 -3.28 31.09
CA PHE C 94 -24.38 -4.03 29.89
C PHE C 94 -25.65 -4.39 29.13
N LEU C 95 -26.65 -4.91 29.84
CA LEU C 95 -27.88 -5.36 29.17
C LEU C 95 -28.69 -4.19 28.59
N MET C 96 -28.76 -3.10 29.34
CA MET C 96 -29.52 -1.94 28.88
C MET C 96 -28.80 -1.24 27.75
N MET C 97 -27.48 -1.38 27.71
CA MET C 97 -26.70 -0.74 26.66
C MET C 97 -26.62 -1.57 25.40
N MET C 98 -27.09 -2.82 25.47
CA MET C 98 -26.78 -3.76 24.40
C MET C 98 -27.34 -3.33 23.05
N ASP C 99 -28.51 -2.72 23.04
CA ASP C 99 -29.10 -2.31 21.78
C ASP C 99 -28.21 -1.33 21.07
N GLU C 100 -27.64 -0.35 21.79
CA GLU C 100 -26.80 0.66 21.13
C GLU C 100 -25.45 0.04 20.71
N VAL C 101 -24.97 -0.93 21.46
CA VAL C 101 -23.73 -1.60 21.11
C VAL C 101 -23.94 -2.37 19.81
N HIS C 102 -25.04 -3.09 19.72
CA HIS C 102 -25.39 -3.81 18.51
C HIS C 102 -25.54 -2.81 17.34
N LEU C 103 -26.08 -1.61 17.59
CA LEU C 103 -26.19 -0.62 16.51
C LEU C 103 -24.79 -0.18 16.08
N GLN C 104 -23.88 0.04 17.03
CA GLN C 104 -22.54 0.46 16.68
C GLN C 104 -21.77 -0.63 15.93
N LEU C 105 -22.01 -1.89 16.28
CA LEU C 105 -21.37 -2.99 15.61
C LEU C 105 -21.77 -3.03 14.16
N THR C 106 -23.00 -2.62 13.87
CA THR C 106 -23.44 -2.58 12.48
C THR C 106 -22.59 -1.55 11.73
N LYS C 107 -22.01 -0.57 12.43
CA LYS C 107 -21.18 0.40 11.72
C LYS C 107 -19.78 -0.17 11.46
N MET C 108 -19.37 -1.20 12.18
CA MET C 108 -17.99 -1.67 12.01
C MET C 108 -17.91 -2.97 11.21
N ILE C 109 -19.02 -3.70 11.17
CA ILE C 109 -19.14 -4.99 10.50
C ILE C 109 -20.27 -4.92 9.49
N LYS C 110 -19.90 -4.53 8.27
CA LYS C 110 -20.85 -4.14 7.24
C LYS C 110 -21.79 -5.27 6.93
N GLY C 111 -23.08 -4.94 6.98
CA GLY C 111 -24.14 -5.87 6.69
C GLY C 111 -24.60 -6.67 7.88
N ALA C 112 -23.95 -6.57 9.03
CA ALA C 112 -24.45 -7.34 10.18
C ALA C 112 -25.83 -6.83 10.59
N THR C 113 -26.71 -7.75 10.97
CA THR C 113 -28.05 -7.40 11.41
C THR C 113 -28.38 -8.15 12.67
N PRO C 114 -27.80 -7.74 13.78
CA PRO C 114 -28.16 -8.36 15.06
C PRO C 114 -29.60 -7.94 15.43
N PRO C 115 -30.22 -8.67 16.35
CA PRO C 115 -31.62 -8.34 16.67
C PRO C 115 -31.75 -6.98 17.30
N ARG C 116 -32.94 -6.41 17.26
CA ARG C 116 -33.28 -5.26 18.08
C ARG C 116 -33.42 -5.79 19.52
N LEU C 117 -32.94 -5.04 20.50
CA LEU C 117 -33.07 -5.49 21.92
C LEU C 117 -33.48 -4.38 22.89
N ILE C 118 -34.74 -3.98 22.88
CA ILE C 118 -35.17 -2.93 23.81
C ILE C 118 -35.28 -3.43 25.24
N ALA C 119 -34.51 -2.80 26.10
CA ALA C 119 -34.49 -3.09 27.51
C ALA C 119 -35.12 -1.93 28.26
N LYS C 120 -35.94 -2.24 29.26
CA LYS C 120 -36.67 -1.26 30.05
C LYS C 120 -36.67 -1.60 31.53
N PRO C 121 -36.32 -0.64 32.38
CA PRO C 121 -36.43 -0.88 33.82
C PRO C 121 -37.91 -0.90 34.21
N VAL C 122 -38.43 -2.04 34.65
CA VAL C 122 -39.85 -2.10 34.94
C VAL C 122 -40.06 -2.02 36.44
N ALA C 123 -39.01 -2.24 37.21
CA ALA C 123 -39.12 -2.25 38.66
C ALA C 123 -37.80 -1.83 39.27
N LYS C 124 -37.80 -1.59 40.58
CA LYS C 124 -36.55 -1.15 41.22
C LYS C 124 -35.38 -2.14 40.97
N ASP C 125 -35.67 -3.43 40.90
CA ASP C 125 -34.62 -4.42 40.79
C ASP C 125 -34.85 -5.37 39.61
N ALA C 126 -35.50 -4.88 38.56
CA ALA C 126 -35.78 -5.71 37.39
C ALA C 126 -35.90 -4.90 36.08
N ILE C 127 -35.53 -5.55 34.99
CA ILE C 127 -35.78 -4.97 33.70
C ILE C 127 -36.55 -5.93 32.84
N GLU C 128 -37.18 -5.39 31.81
CA GLU C 128 -37.68 -6.20 30.71
C GLU C 128 -36.78 -6.00 29.51
N MET C 129 -36.47 -7.11 28.86
CA MET C 129 -35.70 -7.09 27.63
C MET C 129 -36.47 -7.80 26.55
N GLU C 130 -36.68 -7.11 25.45
CA GLU C 130 -37.43 -7.67 24.33
C GLU C 130 -36.53 -7.94 23.15
N TYR C 131 -36.44 -9.21 22.75
CA TYR C 131 -35.72 -9.63 21.54
C TYR C 131 -36.60 -9.47 20.33
N VAL C 132 -36.15 -8.74 19.32
CA VAL C 132 -36.91 -8.63 18.08
C VAL C 132 -35.99 -8.84 16.88
N SER C 133 -36.36 -9.82 16.07
CA SER C 133 -35.54 -10.25 14.93
C SER C 133 -36.43 -10.86 13.84
N LYS C 134 -35.94 -10.90 12.61
CA LYS C 134 -36.64 -11.64 11.59
C LYS C 134 -36.25 -13.12 11.64
N ARG C 135 -35.41 -13.50 12.60
CA ARG C 135 -34.81 -14.84 12.62
C ARG C 135 -35.19 -15.80 13.73
N LYS C 136 -35.85 -15.35 14.78
CA LYS C 136 -36.26 -16.26 15.87
C LYS C 136 -35.16 -17.18 16.46
N MET C 137 -34.19 -16.59 17.15
CA MET C 137 -33.11 -17.37 17.76
C MET C 137 -33.19 -17.20 19.26
N TYR C 138 -34.33 -17.67 19.75
CA TYR C 138 -34.74 -17.52 21.11
C TYR C 138 -33.75 -18.07 22.10
N ASP C 139 -33.29 -19.31 21.85
CA ASP C 139 -32.45 -20.02 22.81
C ASP C 139 -31.05 -19.49 22.89
N TYR C 140 -30.55 -19.05 21.74
CA TYR C 140 -29.24 -18.39 21.64
C TYR C 140 -29.27 -17.05 22.41
N PHE C 141 -30.31 -16.28 22.18
CA PHE C 141 -30.62 -15.10 22.97
C PHE C 141 -30.55 -15.43 24.48
N LEU C 142 -31.21 -16.49 24.91
CA LEU C 142 -31.22 -16.80 26.34
C LEU C 142 -29.85 -17.28 26.84
N GLY C 143 -29.12 -18.05 26.04
CA GLY C 143 -27.78 -18.46 26.42
C GLY C 143 -26.86 -17.26 26.61
N LEU C 144 -27.00 -16.27 25.72
CA LEU C 144 -26.19 -15.07 25.81
C LEU C 144 -26.47 -14.31 27.12
N ILE C 145 -27.75 -14.22 27.51
CA ILE C 145 -28.11 -13.57 28.79
C ILE C 145 -27.45 -14.27 29.96
N GLU C 146 -27.54 -15.61 29.95
CA GLU C 146 -26.92 -16.42 30.99
C GLU C 146 -25.41 -16.23 31.01
N GLY C 147 -24.80 -16.32 29.83
CA GLY C 147 -23.37 -16.11 29.74
C GLY C 147 -22.94 -14.77 30.28
N SER C 148 -23.74 -13.73 30.07
CA SER C 148 -23.39 -12.41 30.61
C SER C 148 -23.42 -12.41 32.13
N SER C 149 -24.40 -13.11 32.72
CA SER C 149 -24.48 -13.30 34.17
C SER C 149 -23.21 -13.93 34.74
N LYS C 150 -22.76 -15.01 34.09
CA LYS C 150 -21.53 -15.67 34.48
C LYS C 150 -20.38 -14.70 34.34
N PHE C 151 -20.35 -13.96 33.25
CA PHE C 151 -19.21 -13.06 33.01
C PHE C 151 -19.11 -11.99 34.07
N PHE C 152 -20.24 -11.37 34.39
CA PHE C 152 -20.22 -10.23 35.32
C PHE C 152 -20.30 -10.72 36.74
N LYS C 153 -20.50 -12.02 36.89
CA LYS C 153 -20.63 -12.64 38.19
C LYS C 153 -21.76 -11.99 39.01
N GLU C 154 -22.89 -11.70 38.38
CA GLU C 154 -24.06 -11.13 39.05
C GLU C 154 -25.24 -12.06 38.75
N GLU C 155 -25.76 -12.68 39.79
CA GLU C 155 -26.82 -13.65 39.60
C GLU C 155 -28.11 -12.94 39.24
N ILE C 156 -28.87 -13.56 38.35
CA ILE C 156 -30.14 -13.07 37.89
C ILE C 156 -31.20 -14.21 37.83
N SER C 157 -32.48 -13.86 37.80
CA SER C 157 -33.50 -14.82 37.39
C SER C 157 -34.16 -14.29 36.12
N VAL C 158 -34.32 -15.16 35.14
CA VAL C 158 -34.87 -14.80 33.85
C VAL C 158 -36.12 -15.58 33.54
N GLU C 159 -37.23 -14.89 33.34
CA GLU C 159 -38.45 -15.58 32.96
C GLU C 159 -39.15 -14.96 31.75
N GLU C 160 -39.57 -15.83 30.83
CA GLU C 160 -40.33 -15.37 29.67
C GLU C 160 -41.71 -14.90 30.09
N VAL C 161 -42.12 -13.76 29.57
CA VAL C 161 -43.39 -13.15 29.89
C VAL C 161 -44.18 -12.94 28.62
N GLU C 162 -43.50 -13.02 27.47
CA GLU C 162 -44.14 -12.80 26.18
C GLU C 162 -43.39 -13.45 25.02
N ARG C 163 -44.15 -14.05 24.10
CA ARG C 163 -43.60 -14.68 22.90
C ARG C 163 -44.55 -14.55 21.73
N GLY C 164 -44.02 -14.42 20.53
CA GLY C 164 -44.90 -14.23 19.41
C GLY C 164 -44.16 -13.90 18.15
N GLU C 165 -44.77 -14.36 17.08
CA GLU C 165 -44.31 -14.22 15.70
C GLU C 165 -45.35 -13.42 15.02
N LYS C 166 -45.35 -12.12 15.26
CA LYS C 166 -46.34 -11.32 14.61
C LYS C 166 -45.58 -10.29 13.81
N ASP C 167 -46.00 -10.19 12.55
CA ASP C 167 -45.44 -9.33 11.51
C ASP C 167 -44.15 -9.92 10.89
N GLY C 168 -44.03 -11.24 10.84
CA GLY C 168 -42.83 -11.86 10.30
C GLY C 168 -41.57 -11.57 11.12
N PHE C 169 -41.77 -10.84 12.20
CA PHE C 169 -40.74 -10.58 13.18
C PHE C 169 -41.10 -11.44 14.36
N SER C 170 -40.16 -12.23 14.83
CA SER C 170 -40.33 -12.99 16.05
C SER C 170 -39.99 -12.11 17.21
N ARG C 171 -40.73 -12.27 18.30
CA ARG C 171 -40.53 -11.51 19.53
C ARG C 171 -40.53 -12.34 20.79
N LEU C 172 -39.64 -12.02 21.70
CA LEU C 172 -39.59 -12.71 22.97
C LEU C 172 -39.22 -11.70 24.06
N LYS C 173 -40.08 -11.55 25.07
CA LYS C 173 -39.82 -10.66 26.20
C LYS C 173 -39.51 -11.44 27.46
N VAL C 174 -38.43 -11.06 28.12
CA VAL C 174 -38.12 -11.68 29.36
C VAL C 174 -38.08 -10.62 30.43
N ARG C 175 -38.42 -11.04 31.63
CA ARG C 175 -38.24 -10.24 32.84
C ARG C 175 -37.01 -10.78 33.57
N ILE C 176 -36.10 -9.86 33.87
CA ILE C 176 -34.81 -10.22 34.45
C ILE C 176 -34.62 -9.56 35.79
N LYS C 177 -34.57 -10.34 36.85
CA LYS C 177 -34.45 -9.80 38.20
C LYS C 177 -33.05 -9.93 38.74
N PHE C 178 -32.56 -8.85 39.32
CA PHE C 178 -31.21 -8.73 39.86
C PHE C 178 -31.21 -8.82 41.37
N LYS C 179 -30.03 -9.01 41.95
CA LYS C 179 -29.96 -9.05 43.39
C LYS C 179 -29.94 -7.62 44.01
N ASN C 180 -29.58 -6.61 43.23
CA ASN C 180 -29.57 -5.25 43.75
C ASN C 180 -30.35 -4.32 42.81
N PRO C 181 -30.76 -3.14 43.28
CA PRO C 181 -31.57 -2.25 42.42
C PRO C 181 -30.90 -1.77 41.14
N VAL C 182 -31.72 -1.52 40.11
CA VAL C 182 -31.25 -1.00 38.85
C VAL C 182 -30.55 0.33 39.03
N PHE C 183 -31.20 1.25 39.72
CA PHE C 183 -30.62 2.56 40.02
C PHE C 183 -30.44 2.78 41.51
N GLU C 184 -29.47 2.15 42.16
CA GLU C 184 -29.37 2.40 43.61
C GLU C 184 -28.68 3.71 44.01
N MET D 1 -41.74 14.49 34.64
CA MET D 1 -40.47 14.03 35.14
C MET D 1 -40.54 12.52 35.35
N LYS D 2 -39.44 11.82 35.15
CA LYS D 2 -39.43 10.37 35.37
C LYS D 2 -39.37 9.93 36.82
N GLY D 3 -40.06 8.81 37.09
CA GLY D 3 -40.04 8.23 38.41
C GLY D 3 -38.63 7.85 38.88
N THR D 4 -37.76 7.38 37.97
CA THR D 4 -36.39 7.08 38.37
C THR D 4 -35.79 8.27 39.05
N ILE D 5 -35.82 9.44 38.43
CA ILE D 5 -35.17 10.56 39.14
C ILE D 5 -35.98 11.16 40.30
N VAL D 6 -37.30 11.23 40.22
CA VAL D 6 -38.08 11.81 41.34
C VAL D 6 -37.89 10.96 42.65
N GLY D 7 -37.86 9.64 42.50
CA GLY D 7 -37.61 8.77 43.63
C GLY D 7 -36.26 9.07 44.28
N THR D 8 -35.26 9.33 43.45
CA THR D 8 -33.96 9.72 43.97
C THR D 8 -34.03 11.02 44.78
N TRP D 9 -34.77 11.98 44.27
CA TRP D 9 -34.86 13.27 44.94
C TRP D 9 -35.47 13.14 46.33
N ILE D 10 -36.61 12.43 46.40
CA ILE D 10 -37.34 12.19 47.67
C ILE D 10 -36.44 11.56 48.68
N LYS D 11 -35.69 10.55 48.25
CA LYS D 11 -34.81 9.86 49.16
C LYS D 11 -33.70 10.83 49.60
N THR D 12 -33.21 11.68 48.71
CA THR D 12 -32.19 12.65 49.10
C THR D 12 -32.77 13.68 50.10
N LEU D 13 -34.02 14.09 49.89
CA LEU D 13 -34.73 15.00 50.81
C LEU D 13 -34.90 14.40 52.22
N ARG D 14 -35.19 13.10 52.27
CA ARG D 14 -35.29 12.36 53.52
C ARG D 14 -33.92 12.30 54.23
N ASP D 15 -32.87 12.06 53.46
CA ASP D 15 -31.53 11.99 54.03
C ASP D 15 -31.13 13.35 54.64
N LEU D 16 -31.50 14.42 53.95
CA LEU D 16 -31.11 15.76 54.36
C LEU D 16 -31.96 16.29 55.52
N TYR D 17 -33.27 16.11 55.46
CA TYR D 17 -34.17 16.83 56.37
C TYR D 17 -35.15 15.95 57.18
N GLY D 18 -35.16 14.64 56.97
CA GLY D 18 -36.01 13.80 57.81
C GLY D 18 -37.33 13.43 57.18
N ASN D 19 -37.87 12.31 57.65
CA ASN D 19 -39.10 11.77 57.15
C ASN D 19 -40.33 12.64 57.45
N ASP D 20 -40.34 13.38 58.56
CA ASP D 20 -41.55 14.13 58.92
C ASP D 20 -41.75 15.30 57.96
N VAL D 21 -40.67 15.93 57.55
CA VAL D 21 -40.75 17.03 56.62
C VAL D 21 -41.21 16.53 55.27
N VAL D 22 -40.66 15.40 54.84
CA VAL D 22 -40.97 14.87 53.53
C VAL D 22 -42.37 14.29 53.52
N ASP D 23 -42.68 13.53 54.56
CA ASP D 23 -44.00 12.95 54.67
C ASP D 23 -45.07 14.02 54.51
N GLU D 24 -44.90 15.15 55.18
CA GLU D 24 -45.92 16.19 55.17
C GLU D 24 -45.99 16.84 53.80
N SER D 25 -44.81 17.03 53.21
CA SER D 25 -44.75 17.59 51.87
C SER D 25 -45.43 16.69 50.88
N LEU D 26 -45.21 15.39 50.99
CA LEU D 26 -45.93 14.50 50.07
C LEU D 26 -47.43 14.57 50.26
N LYS D 27 -47.92 14.50 51.49
CA LYS D 27 -49.36 14.66 51.78
C LYS D 27 -49.93 15.98 51.25
N SER D 28 -49.17 17.07 51.35
CA SER D 28 -49.69 18.36 50.89
C SER D 28 -50.05 18.32 49.40
N VAL D 29 -49.44 17.42 48.63
CA VAL D 29 -49.80 17.36 47.22
C VAL D 29 -50.68 16.13 46.98
N GLY D 30 -51.16 15.47 48.03
CA GLY D 30 -52.10 14.38 47.85
C GLY D 30 -51.48 13.01 47.61
N TRP D 31 -50.27 12.82 48.09
CA TRP D 31 -49.68 11.52 47.99
C TRP D 31 -49.66 10.93 49.36
N GLU D 32 -49.81 9.62 49.46
CA GLU D 32 -49.45 8.90 50.66
C GLU D 32 -47.93 8.97 50.84
N PRO D 33 -47.50 9.21 52.08
CA PRO D 33 -46.09 9.37 52.40
C PRO D 33 -45.25 8.19 51.96
N ASP D 34 -45.83 7.00 51.87
CA ASP D 34 -45.01 5.89 51.43
C ASP D 34 -45.34 5.44 50.01
N ARG D 35 -45.88 6.33 49.20
CA ARG D 35 -46.18 6.07 47.80
C ARG D 35 -44.92 5.47 47.11
N VAL D 36 -45.11 4.40 46.36
CA VAL D 36 -44.02 3.81 45.57
C VAL D 36 -43.91 4.48 44.20
N ILE D 37 -42.68 4.87 43.86
CA ILE D 37 -42.42 5.55 42.61
C ILE D 37 -41.66 4.59 41.70
N THR D 38 -42.28 4.29 40.57
CA THR D 38 -41.74 3.32 39.64
C THR D 38 -40.75 4.02 38.72
N PRO D 39 -39.84 3.26 38.15
CA PRO D 39 -38.84 3.97 37.33
C PRO D 39 -39.45 4.69 36.12
N LEU D 40 -40.49 4.14 35.49
CA LEU D 40 -40.95 4.73 34.24
C LEU D 40 -42.25 5.53 34.35
N GLU D 41 -42.83 5.60 35.53
CA GLU D 41 -44.03 6.43 35.61
C GLU D 41 -43.68 7.86 35.43
N ASP D 42 -44.67 8.62 34.97
CA ASP D 42 -44.52 10.07 34.78
C ASP D 42 -45.09 10.90 35.95
N ILE D 43 -44.23 11.68 36.59
CA ILE D 43 -44.63 12.51 37.71
C ILE D 43 -44.83 13.96 37.26
N ASP D 44 -45.96 14.54 37.64
CA ASP D 44 -46.25 15.91 37.32
C ASP D 44 -45.20 16.86 37.89
N ASP D 45 -44.63 17.69 37.02
CA ASP D 45 -43.57 18.64 37.42
C ASP D 45 -44.06 19.64 38.48
N ASP D 46 -45.28 20.13 38.32
CA ASP D 46 -45.82 21.11 39.25
C ASP D 46 -46.01 20.48 40.63
N GLU D 47 -46.30 19.17 40.70
CA GLU D 47 -46.37 18.47 42.00
C GLU D 47 -44.99 18.41 42.65
N VAL D 48 -43.97 18.20 41.84
CA VAL D 48 -42.61 18.23 42.38
C VAL D 48 -42.29 19.59 42.97
N ARG D 49 -42.65 20.63 42.24
CA ARG D 49 -42.39 21.98 42.72
C ARG D 49 -43.05 22.24 44.06
N ARG D 50 -44.31 21.83 44.17
CA ARG D 50 -45.09 22.10 45.37
C ARG D 50 -44.48 21.32 46.52
N ILE D 51 -44.00 20.10 46.24
CA ILE D 51 -43.30 19.31 47.25
C ILE D 51 -42.05 20.03 47.76
N PHE D 52 -41.22 20.50 46.81
CA PHE D 52 -40.01 21.20 47.16
C PHE D 52 -40.33 22.49 47.86
N ALA D 53 -41.43 23.11 47.44
CA ALA D 53 -41.91 24.33 48.06
C ALA D 53 -42.24 24.11 49.53
N LYS D 54 -42.94 23.00 49.84
CA LYS D 54 -43.32 22.72 51.24
C LYS D 54 -42.13 22.37 52.11
N VAL D 55 -41.19 21.64 51.55
CA VAL D 55 -39.97 21.29 52.26
C VAL D 55 -39.19 22.55 52.64
N SER D 56 -39.14 23.52 51.74
CA SER D 56 -38.45 24.79 52.02
C SER D 56 -39.13 25.52 53.16
N GLU D 57 -40.44 25.63 53.06
CA GLU D 57 -41.26 26.22 54.11
C GLU D 57 -41.06 25.51 55.45
N LYS D 58 -40.98 24.19 55.44
CA LYS D 58 -40.91 23.54 56.73
C LYS D 58 -39.50 23.57 57.31
N THR D 59 -38.48 23.64 56.47
CA THR D 59 -37.13 23.57 56.98
C THR D 59 -36.56 24.96 57.18
N GLY D 60 -37.12 25.94 56.50
CA GLY D 60 -36.55 27.26 56.53
C GLY D 60 -35.47 27.43 55.47
N LYS D 61 -35.12 26.36 54.77
CA LYS D 61 -34.12 26.51 53.72
C LYS D 61 -34.78 26.98 52.44
N ASN D 62 -34.12 27.88 51.72
CA ASN D 62 -34.63 28.32 50.43
C ASN D 62 -34.65 27.20 49.41
N VAL D 63 -35.67 27.19 48.57
CA VAL D 63 -35.79 26.18 47.52
C VAL D 63 -34.53 26.13 46.60
N ASN D 64 -33.98 27.29 46.27
CA ASN D 64 -32.76 27.37 45.45
C ASN D 64 -31.57 26.69 46.10
N GLU D 65 -31.45 26.87 47.40
CA GLU D 65 -30.40 26.21 48.14
C GLU D 65 -30.63 24.71 48.23
N ILE D 66 -31.89 24.30 48.28
CA ILE D 66 -32.21 22.86 48.36
C ILE D 66 -31.87 22.17 47.05
N TRP D 67 -32.33 22.74 45.94
CA TRP D 67 -31.96 22.20 44.64
C TRP D 67 -30.42 22.09 44.48
N ARG D 68 -29.69 23.09 44.97
CA ARG D 68 -28.25 23.07 44.81
C ARG D 68 -27.65 21.90 45.61
N GLU D 69 -28.12 21.73 46.85
CA GLU D 69 -27.64 20.64 47.68
C GLU D 69 -28.00 19.28 47.10
N VAL D 70 -29.21 19.15 46.59
CA VAL D 70 -29.64 17.89 46.00
C VAL D 70 -28.74 17.59 44.74
N GLY D 71 -28.44 18.63 43.97
CA GLY D 71 -27.48 18.50 42.88
C GLY D 71 -26.09 18.03 43.32
N ARG D 72 -25.56 18.60 44.39
CA ARG D 72 -24.28 18.12 44.91
C ARG D 72 -24.34 16.64 45.29
N GLN D 73 -25.43 16.23 45.92
CA GLN D 73 -25.50 14.84 46.38
C GLN D 73 -25.67 13.84 45.22
N ASN D 74 -26.46 14.20 44.21
CA ASN D 74 -26.87 13.28 43.17
C ASN D 74 -25.77 12.79 42.21
N ILE D 75 -24.69 13.56 42.08
CA ILE D 75 -23.63 13.14 41.20
C ILE D 75 -23.12 11.74 41.62
N LYS D 76 -22.90 11.55 42.93
CA LYS D 76 -22.40 10.27 43.41
C LYS D 76 -23.40 9.14 43.10
N THR D 77 -24.69 9.43 43.26
CA THR D 77 -25.72 8.48 42.94
C THR D 77 -25.71 8.09 41.45
N PHE D 78 -25.57 9.08 40.55
CA PHE D 78 -25.50 8.79 39.12
C PHE D 78 -24.31 7.93 38.85
N SER D 79 -23.24 8.15 39.61
CA SER D 79 -22.03 7.33 39.40
C SER D 79 -22.25 5.86 39.84
N GLU D 80 -23.19 5.61 40.75
CA GLU D 80 -23.52 4.23 41.11
C GLU D 80 -24.45 3.60 40.06
N TRP D 81 -25.37 4.38 39.49
CA TRP D 81 -26.20 3.89 38.40
C TRP D 81 -25.38 3.48 37.18
N PHE D 82 -24.47 4.38 36.76
CA PHE D 82 -23.71 4.20 35.52
C PHE D 82 -22.22 4.55 35.66
N PRO D 83 -21.45 3.68 36.31
CA PRO D 83 -20.05 4.05 36.52
C PRO D 83 -19.30 4.24 35.20
N SER D 84 -19.69 3.61 34.11
CA SER D 84 -18.85 3.73 32.91
C SER D 84 -18.93 5.11 32.26
N TYR D 85 -19.89 5.95 32.65
CA TYR D 85 -19.94 7.33 32.12
C TYR D 85 -18.95 8.25 32.86
N PHE D 86 -18.46 7.79 34.00
CA PHE D 86 -17.53 8.53 34.83
C PHE D 86 -16.09 7.99 34.62
N ALA D 87 -15.99 6.69 34.40
CA ALA D 87 -14.71 5.99 34.37
C ALA D 87 -13.69 6.54 33.37
N GLY D 88 -12.46 6.67 33.83
CA GLY D 88 -11.37 7.06 32.95
C GLY D 88 -11.50 8.42 32.28
N ARG D 89 -12.39 9.27 32.78
CA ARG D 89 -12.54 10.60 32.22
C ARG D 89 -11.95 11.74 33.09
N ARG D 90 -11.49 12.77 32.39
CA ARG D 90 -11.20 14.07 32.98
C ARG D 90 -12.56 14.79 33.19
N LEU D 91 -12.63 15.71 34.16
CA LEU D 91 -13.86 16.50 34.38
C LEU D 91 -14.27 17.20 33.10
N VAL D 92 -13.34 17.88 32.44
CA VAL D 92 -13.69 18.60 31.23
C VAL D 92 -14.23 17.61 30.17
N ASN D 93 -13.72 16.39 30.14
CA ASN D 93 -14.33 15.38 29.28
C ASN D 93 -15.76 15.11 29.68
N PHE D 94 -15.94 14.84 30.98
CA PHE D 94 -17.25 14.49 31.52
C PHE D 94 -18.25 15.59 31.15
N LEU D 95 -17.86 16.83 31.34
CA LEU D 95 -18.76 17.91 31.03
C LEU D 95 -19.06 18.02 29.54
N MET D 96 -18.03 17.86 28.71
CA MET D 96 -18.24 17.99 27.29
C MET D 96 -19.00 16.78 26.73
N MET D 97 -18.92 15.64 27.40
CA MET D 97 -19.66 14.49 26.93
C MET D 97 -21.11 14.39 27.41
N MET D 98 -21.48 15.31 28.30
CA MET D 98 -22.75 15.13 28.98
C MET D 98 -23.95 15.25 28.07
N ASP D 99 -23.86 16.10 27.05
CA ASP D 99 -25.02 16.20 26.15
C ASP D 99 -25.31 14.87 25.48
N GLU D 100 -24.26 14.22 24.97
CA GLU D 100 -24.43 12.93 24.30
C GLU D 100 -24.85 11.83 25.26
N VAL D 101 -24.41 11.92 26.52
CA VAL D 101 -24.75 10.97 27.58
C VAL D 101 -26.23 11.11 27.93
N HIS D 102 -26.69 12.35 28.09
CA HIS D 102 -28.10 12.63 28.31
C HIS D 102 -28.92 12.07 27.13
N LEU D 103 -28.43 12.18 25.88
CA LEU D 103 -29.16 11.61 24.72
C LEU D 103 -29.24 10.08 24.73
N GLN D 104 -28.15 9.45 25.12
CA GLN D 104 -28.17 8.02 25.18
C GLN D 104 -29.04 7.63 26.37
N LEU D 105 -29.15 8.47 27.41
CA LEU D 105 -30.06 8.12 28.51
C LEU D 105 -31.51 8.08 28.03
N THR D 106 -31.86 8.93 27.07
CA THR D 106 -33.25 8.91 26.60
C THR D 106 -33.63 7.58 25.93
N LYS D 107 -32.62 6.87 25.42
CA LYS D 107 -32.83 5.59 24.74
C LYS D 107 -32.92 4.44 25.73
N MET D 108 -32.50 4.67 26.97
CA MET D 108 -32.55 3.61 27.96
C MET D 108 -33.62 3.79 29.03
N ILE D 109 -34.08 5.03 29.17
CA ILE D 109 -35.11 5.34 30.13
C ILE D 109 -36.27 6.01 29.38
N LYS D 110 -37.26 5.22 28.94
CA LYS D 110 -38.26 5.71 27.97
C LYS D 110 -39.03 6.94 28.45
N GLY D 111 -39.05 7.99 27.62
CA GLY D 111 -39.73 9.25 27.92
C GLY D 111 -38.94 10.29 28.71
N ALA D 112 -37.73 9.96 29.13
CA ALA D 112 -36.88 10.93 29.83
C ALA D 112 -36.56 12.11 28.94
N THR D 113 -36.57 13.30 29.52
CA THR D 113 -36.29 14.53 28.80
C THR D 113 -35.34 15.38 29.59
N PRO D 114 -34.09 14.93 29.68
CA PRO D 114 -33.08 15.76 30.33
C PRO D 114 -32.77 16.99 29.50
N PRO D 115 -32.26 18.05 30.11
CA PRO D 115 -32.01 19.26 29.33
C PRO D 115 -30.85 19.08 28.30
N ARG D 116 -30.82 19.90 27.26
CA ARG D 116 -29.62 20.00 26.39
C ARG D 116 -28.55 20.67 27.23
N LEU D 117 -27.32 20.22 27.08
CA LEU D 117 -26.21 20.80 27.81
C LEU D 117 -25.07 21.03 26.81
N ILE D 118 -25.23 22.02 25.92
CA ILE D 118 -24.19 22.22 24.89
C ILE D 118 -22.94 22.88 25.48
N ALA D 119 -21.82 22.18 25.38
CA ALA D 119 -20.56 22.73 25.88
C ALA D 119 -19.61 23.06 24.73
N LYS D 120 -18.87 24.16 24.90
CA LYS D 120 -17.92 24.64 23.92
C LYS D 120 -16.60 24.98 24.58
N PRO D 121 -15.50 24.44 24.05
CA PRO D 121 -14.21 24.88 24.56
C PRO D 121 -13.93 26.32 24.05
N VAL D 122 -14.00 27.33 24.91
CA VAL D 122 -13.89 28.74 24.47
C VAL D 122 -12.52 29.35 24.75
N ALA D 123 -11.72 28.70 25.58
CA ALA D 123 -10.44 29.24 25.95
C ALA D 123 -9.48 28.12 26.26
N LYS D 124 -8.25 28.51 26.47
CA LYS D 124 -7.17 27.62 26.80
C LYS D 124 -7.53 26.73 27.98
N ASP D 125 -8.22 27.30 28.96
CA ASP D 125 -8.53 26.60 30.21
C ASP D 125 -9.97 26.75 30.70
N ALA D 126 -10.90 26.90 29.77
CA ALA D 126 -12.27 27.10 30.15
C ALA D 126 -13.20 26.64 29.05
N ILE D 127 -14.40 26.21 29.43
CA ILE D 127 -15.44 25.93 28.49
C ILE D 127 -16.63 26.80 28.87
N GLU D 128 -17.52 27.01 27.90
CA GLU D 128 -18.82 27.54 28.19
C GLU D 128 -19.80 26.37 28.15
N MET D 129 -20.71 26.31 29.12
CA MET D 129 -21.74 25.27 29.10
C MET D 129 -23.12 25.89 29.13
N GLU D 130 -23.95 25.56 28.14
CA GLU D 130 -25.29 26.15 28.12
C GLU D 130 -26.43 25.16 28.44
N TYR D 131 -27.16 25.46 29.50
CA TYR D 131 -28.33 24.68 29.87
C TYR D 131 -29.53 25.15 29.08
N VAL D 132 -30.22 24.21 28.44
CA VAL D 132 -31.40 24.56 27.68
C VAL D 132 -32.49 23.58 28.01
N SER D 133 -33.62 24.08 28.50
CA SER D 133 -34.72 23.23 28.97
C SER D 133 -36.11 23.88 28.96
N LYS D 134 -37.12 23.03 29.04
CA LYS D 134 -38.48 23.54 29.25
C LYS D 134 -38.80 23.81 30.72
N ARG D 135 -37.90 23.46 31.66
CA ARG D 135 -38.25 23.34 33.08
C ARG D 135 -37.70 24.33 34.12
N LYS D 136 -36.75 25.11 33.74
CA LYS D 136 -36.14 26.10 34.61
C LYS D 136 -35.59 25.57 35.94
N MET D 137 -34.55 24.74 35.87
CA MET D 137 -33.93 24.22 37.10
C MET D 137 -32.45 24.63 37.17
N TYR D 138 -32.23 25.94 37.20
CA TYR D 138 -30.91 26.55 37.22
C TYR D 138 -30.09 26.05 38.42
N ASP D 139 -30.68 25.99 39.60
CA ASP D 139 -29.90 25.69 40.79
C ASP D 139 -29.46 24.20 40.84
N TYR D 140 -30.32 23.30 40.34
CA TYR D 140 -29.97 21.87 40.24
C TYR D 140 -28.80 21.66 39.28
N PHE D 141 -28.89 22.35 38.14
CA PHE D 141 -27.83 22.39 37.14
C PHE D 141 -26.50 22.74 37.79
N LEU D 142 -26.49 23.83 38.55
CA LEU D 142 -25.27 24.32 39.17
C LEU D 142 -24.78 23.36 40.25
N GLY D 143 -25.70 22.76 40.98
CA GLY D 143 -25.31 21.82 42.01
C GLY D 143 -24.58 20.64 41.42
N LEU D 144 -25.09 20.17 40.30
CA LEU D 144 -24.53 19.01 39.65
C LEU D 144 -23.13 19.33 39.12
N ILE D 145 -22.92 20.56 38.66
CA ILE D 145 -21.60 20.97 38.19
C ILE D 145 -20.63 20.89 39.36
N GLU D 146 -21.05 21.46 40.50
CA GLU D 146 -20.23 21.49 41.71
C GLU D 146 -19.96 20.11 42.17
N GLY D 147 -21.02 19.30 42.18
CA GLY D 147 -20.91 17.89 42.52
C GLY D 147 -19.92 17.16 41.62
N SER D 148 -19.89 17.48 40.32
CA SER D 148 -18.91 16.86 39.43
C SER D 148 -17.49 17.27 39.79
N SER D 149 -17.31 18.55 40.12
CA SER D 149 -16.00 19.03 40.54
C SER D 149 -15.43 18.22 41.69
N LYS D 150 -16.27 18.03 42.68
CA LYS D 150 -15.96 17.23 43.85
C LYS D 150 -15.64 15.78 43.52
N PHE D 151 -16.46 15.17 42.66
CA PHE D 151 -16.28 13.76 42.31
C PHE D 151 -14.96 13.52 41.55
N PHE D 152 -14.64 14.38 40.59
CA PHE D 152 -13.43 14.20 39.77
C PHE D 152 -12.20 14.83 40.43
N LYS D 153 -12.41 15.47 41.58
CA LYS D 153 -11.34 16.11 42.34
C LYS D 153 -10.58 17.11 41.50
N GLU D 154 -11.30 17.92 40.73
CA GLU D 154 -10.69 18.99 39.96
C GLU D 154 -11.40 20.32 40.30
N GLU D 155 -10.63 21.28 40.80
CA GLU D 155 -11.18 22.56 41.18
C GLU D 155 -11.59 23.38 39.95
N ILE D 156 -12.72 24.08 40.07
CA ILE D 156 -13.21 24.91 38.98
C ILE D 156 -13.69 26.25 39.48
N SER D 157 -13.73 27.23 38.60
CA SER D 157 -14.54 28.42 38.89
C SER D 157 -15.63 28.51 37.83
N VAL D 158 -16.82 28.87 38.29
CA VAL D 158 -17.99 28.96 37.45
C VAL D 158 -18.55 30.36 37.46
N GLU D 159 -18.67 30.95 36.28
CA GLU D 159 -19.18 32.31 36.14
C GLU D 159 -20.39 32.33 35.23
N GLU D 160 -21.48 32.97 35.67
CA GLU D 160 -22.66 33.09 34.84
C GLU D 160 -22.36 34.04 33.69
N VAL D 161 -22.75 33.64 32.51
CA VAL D 161 -22.46 34.41 31.34
C VAL D 161 -23.71 35.12 30.96
N GLU D 162 -24.80 34.39 30.83
CA GLU D 162 -26.07 35.00 30.49
C GLU D 162 -27.17 34.00 30.79
N ARG D 163 -28.41 34.48 30.78
CA ARG D 163 -29.57 33.62 31.01
C ARG D 163 -30.76 34.22 30.28
N GLY D 164 -31.88 33.53 30.24
CA GLY D 164 -33.06 34.03 29.54
C GLY D 164 -34.15 32.99 29.44
N GLU D 165 -35.39 33.46 29.35
CA GLU D 165 -36.58 32.61 29.20
C GLU D 165 -37.33 33.05 27.97
N LYS D 166 -37.28 32.25 26.90
CA LYS D 166 -37.99 32.58 25.66
C LYS D 166 -38.77 31.41 25.08
N ASP D 167 -39.96 31.72 24.56
CA ASP D 167 -40.89 30.74 23.97
C ASP D 167 -40.88 29.37 24.69
N GLY D 168 -41.33 29.38 25.94
CA GLY D 168 -41.36 28.20 26.77
C GLY D 168 -40.00 27.62 27.15
N PHE D 169 -38.90 28.22 26.69
CA PHE D 169 -37.55 27.74 27.04
C PHE D 169 -36.74 28.64 27.95
N SER D 170 -36.14 28.02 28.96
CA SER D 170 -35.14 28.63 29.82
C SER D 170 -33.74 28.33 29.34
N ARG D 171 -32.86 29.34 29.42
CA ARG D 171 -31.45 29.16 29.06
C ARG D 171 -30.58 29.75 30.13
N LEU D 172 -29.49 29.06 30.41
CA LEU D 172 -28.46 29.55 31.31
C LEU D 172 -27.09 29.07 30.81
N LYS D 173 -26.20 30.02 30.56
CA LYS D 173 -24.84 29.71 30.12
C LYS D 173 -23.86 30.12 31.19
N VAL D 174 -22.97 29.21 31.54
CA VAL D 174 -21.92 29.53 32.50
C VAL D 174 -20.57 29.27 31.85
N ARG D 175 -19.57 30.01 32.30
CA ARG D 175 -18.20 29.82 31.90
C ARG D 175 -17.51 29.07 33.03
N ILE D 176 -16.89 27.96 32.72
CA ILE D 176 -16.30 27.12 33.73
C ILE D 176 -14.78 27.11 33.52
N LYS D 177 -14.03 27.58 34.53
CA LYS D 177 -12.58 27.67 34.42
C LYS D 177 -11.87 26.56 35.17
N PHE D 178 -10.91 25.94 34.49
CA PHE D 178 -10.14 24.84 35.07
C PHE D 178 -8.77 25.30 35.43
N LYS D 179 -8.10 24.52 36.25
CA LYS D 179 -6.75 24.79 36.65
C LYS D 179 -5.76 24.33 35.60
N ASN D 180 -6.20 23.47 34.68
CA ASN D 180 -5.36 22.97 33.57
C ASN D 180 -6.04 23.26 32.24
N PRO D 181 -5.25 23.34 31.16
CA PRO D 181 -5.79 23.58 29.81
C PRO D 181 -6.64 22.43 29.26
N VAL D 182 -7.64 22.77 28.44
CA VAL D 182 -8.54 21.78 27.84
C VAL D 182 -7.81 20.94 26.79
N PHE D 183 -7.15 21.62 25.86
CA PHE D 183 -6.34 20.97 24.83
C PHE D 183 -4.85 21.28 24.90
N GLU D 184 -4.22 20.68 25.89
CA GLU D 184 -2.79 20.89 26.14
C GLU D 184 -1.81 20.21 25.18
N TYR D 185 -0.78 20.93 24.76
CA TYR D 185 0.41 20.24 24.27
C TYR D 185 1.37 20.14 25.44
N LYS D 186 1.82 18.92 25.74
CA LYS D 186 2.72 18.63 26.86
C LYS D 186 4.09 18.05 26.51
N LYS D 187 4.72 17.53 27.56
CA LYS D 187 6.09 17.06 27.55
C LYS D 187 6.56 16.52 26.24
N MET E 1 -9.62 24.93 9.06
CA MET E 1 -9.34 24.07 10.19
C MET E 1 -9.32 24.76 11.57
N LYS E 2 -9.70 23.98 12.57
CA LYS E 2 -9.86 24.44 13.93
C LYS E 2 -8.56 24.73 14.67
N GLY E 3 -8.60 25.79 15.50
CA GLY E 3 -7.45 26.19 16.26
C GLY E 3 -6.89 25.17 17.23
N THR E 4 -7.80 24.39 17.82
CA THR E 4 -7.44 23.33 18.76
C THR E 4 -6.33 22.48 18.22
N ILE E 5 -6.54 22.05 16.98
CA ILE E 5 -5.58 21.22 16.29
C ILE E 5 -4.44 22.03 15.65
N VAL E 6 -4.73 23.20 15.12
CA VAL E 6 -3.66 23.99 14.53
C VAL E 6 -2.64 24.42 15.58
N GLY E 7 -3.11 24.90 16.72
CA GLY E 7 -2.22 25.33 17.80
C GLY E 7 -1.27 24.25 18.26
N THR E 8 -1.80 23.02 18.31
CA THR E 8 -1.03 21.80 18.59
C THR E 8 0.01 21.48 17.51
N TRP E 9 -0.35 21.67 16.24
CA TRP E 9 0.59 21.42 15.14
C TRP E 9 1.78 22.35 15.30
N ILE E 10 1.48 23.62 15.47
CA ILE E 10 2.49 24.62 15.75
C ILE E 10 3.34 24.27 16.95
N LYS E 11 2.74 23.82 18.04
CA LYS E 11 3.58 23.51 19.17
C LYS E 11 4.39 22.23 18.91
N THR E 12 3.83 21.29 18.15
CA THR E 12 4.57 20.08 17.82
C THR E 12 5.77 20.40 16.89
N LEU E 13 5.55 21.33 15.96
CA LEU E 13 6.62 21.76 15.09
C LEU E 13 7.79 22.34 15.88
N ARG E 14 7.51 23.06 16.98
CA ARG E 14 8.57 23.63 17.81
C ARG E 14 9.41 22.59 18.53
N ASP E 15 8.76 21.59 19.09
CA ASP E 15 9.50 20.54 19.74
C ASP E 15 10.36 19.85 18.67
N LEU E 16 9.86 19.77 17.44
CA LEU E 16 10.55 19.02 16.42
C LEU E 16 11.76 19.73 15.78
N TYR E 17 11.61 21.00 15.42
CA TYR E 17 12.63 21.67 14.60
C TYR E 17 13.17 22.97 15.24
N GLY E 18 12.63 23.36 16.39
CA GLY E 18 13.12 24.53 17.09
C GLY E 18 12.31 25.77 16.83
N ASN E 19 12.41 26.76 17.72
CA ASN E 19 11.64 27.99 17.58
C ASN E 19 11.96 28.85 16.36
N ASP E 20 13.22 28.94 15.92
CA ASP E 20 13.45 29.92 14.85
C ASP E 20 12.87 29.52 13.51
N VAL E 21 12.86 28.24 13.20
CA VAL E 21 12.29 27.86 11.92
C VAL E 21 10.80 28.13 12.01
N VAL E 22 10.19 27.78 13.13
CA VAL E 22 8.76 27.98 13.26
C VAL E 22 8.48 29.47 13.34
N ASP E 23 9.24 30.20 14.15
CA ASP E 23 9.06 31.64 14.25
C ASP E 23 9.11 32.29 12.86
N GLU E 24 10.13 31.95 12.08
CA GLU E 24 10.23 32.56 10.76
C GLU E 24 9.16 31.97 9.85
N SER E 25 8.85 30.71 10.03
CA SER E 25 7.81 30.12 9.21
C SER E 25 6.48 30.80 9.47
N LEU E 26 6.21 31.11 10.73
CA LEU E 26 5.00 31.88 11.04
C LEU E 26 5.03 33.30 10.48
N LYS E 27 6.15 33.98 10.68
CA LYS E 27 6.29 35.32 10.13
C LYS E 27 5.96 35.28 8.66
N SER E 28 6.42 34.23 8.00
CA SER E 28 6.29 34.08 6.57
C SER E 28 4.89 34.21 6.00
N VAL E 29 3.87 33.87 6.78
CA VAL E 29 2.53 33.92 6.20
C VAL E 29 1.70 35.07 6.74
N GLY E 30 2.36 35.96 7.46
CA GLY E 30 1.70 37.14 7.97
C GLY E 30 1.08 36.91 9.34
N TRP E 31 1.66 35.97 10.09
CA TRP E 31 1.27 35.71 11.47
C TRP E 31 2.29 36.27 12.40
N GLU E 32 1.84 36.64 13.60
CA GLU E 32 2.72 36.90 14.70
C GLU E 32 3.43 35.62 15.14
N PRO E 33 4.75 35.67 15.30
CA PRO E 33 5.47 34.47 15.76
C PRO E 33 4.96 33.93 17.09
N ASP E 34 4.34 34.78 17.92
CA ASP E 34 3.79 34.35 19.19
C ASP E 34 2.26 34.30 19.19
N ARG E 35 1.68 34.17 18.00
CA ARG E 35 0.24 34.15 17.86
C ARG E 35 -0.46 33.17 18.79
N VAL E 36 -1.48 33.70 19.45
CA VAL E 36 -2.33 32.92 20.30
C VAL E 36 -3.48 32.40 19.49
N ILE E 37 -3.67 31.09 19.55
CA ILE E 37 -4.75 30.46 18.83
C ILE E 37 -5.77 29.86 19.79
N THR E 38 -7.03 30.24 19.59
CA THR E 38 -8.15 29.79 20.41
C THR E 38 -8.72 28.47 19.87
N PRO E 39 -9.38 27.69 20.74
CA PRO E 39 -9.81 26.36 20.30
C PRO E 39 -10.81 26.32 19.15
N LEU E 40 -11.69 27.30 19.05
CA LEU E 40 -12.77 27.18 18.09
C LEU E 40 -12.54 28.12 16.89
N GLU E 41 -11.43 28.82 16.94
CA GLU E 41 -11.09 29.68 15.85
C GLU E 41 -10.90 28.84 14.59
N ASP E 42 -11.26 29.43 13.46
CA ASP E 42 -11.09 28.88 12.13
C ASP E 42 -9.87 29.41 11.39
N ILE E 43 -8.92 28.54 11.11
CA ILE E 43 -7.72 28.92 10.35
C ILE E 43 -7.78 28.43 8.92
N ASP E 44 -7.50 29.33 7.97
CA ASP E 44 -7.47 28.96 6.56
C ASP E 44 -6.38 27.89 6.32
N ASP E 45 -6.74 26.79 5.66
CA ASP E 45 -5.85 25.63 5.44
C ASP E 45 -4.56 25.94 4.62
N ASP E 46 -4.69 26.80 3.61
CA ASP E 46 -3.55 27.16 2.77
C ASP E 46 -2.47 27.89 3.59
N GLU E 47 -2.88 28.65 4.61
CA GLU E 47 -1.94 29.31 5.52
C GLU E 47 -1.19 28.24 6.27
N VAL E 48 -1.89 27.19 6.69
CA VAL E 48 -1.22 26.07 7.33
C VAL E 48 -0.31 25.38 6.31
N ARG E 49 -0.83 25.15 5.10
CA ARG E 49 -0.01 24.55 4.03
C ARG E 49 1.27 25.37 3.78
N ARG E 50 1.16 26.70 3.68
CA ARG E 50 2.35 27.52 3.43
C ARG E 50 3.29 27.54 4.61
N ILE E 51 2.76 27.44 5.82
CA ILE E 51 3.60 27.36 7.02
C ILE E 51 4.47 26.11 7.00
N PHE E 52 3.86 24.98 6.71
CA PHE E 52 4.55 23.70 6.67
C PHE E 52 5.55 23.65 5.51
N ALA E 53 5.19 24.28 4.39
CA ALA E 53 6.10 24.34 3.26
C ALA E 53 7.41 25.01 3.71
N LYS E 54 7.29 26.13 4.40
CA LYS E 54 8.47 26.87 4.86
C LYS E 54 9.25 26.07 5.87
N VAL E 55 8.57 25.30 6.71
CA VAL E 55 9.32 24.47 7.63
C VAL E 55 10.16 23.52 6.83
N SER E 56 9.56 22.99 5.76
CA SER E 56 10.26 22.05 4.87
C SER E 56 11.42 22.68 4.10
N GLU E 57 11.16 23.87 3.57
CA GLU E 57 12.16 24.68 2.88
C GLU E 57 13.33 24.96 3.81
N LYS E 58 13.04 25.23 5.07
CA LYS E 58 14.09 25.59 6.00
C LYS E 58 14.77 24.42 6.71
N THR E 59 14.11 23.27 6.77
CA THR E 59 14.64 22.13 7.51
C THR E 59 15.45 21.20 6.63
N GLY E 60 15.17 21.27 5.32
CA GLY E 60 15.74 20.35 4.37
C GLY E 60 14.93 19.06 4.20
N LYS E 61 13.92 18.85 5.06
CA LYS E 61 13.03 17.68 4.95
C LYS E 61 11.85 17.90 4.00
N ASN E 62 11.48 16.84 3.29
CA ASN E 62 10.26 16.87 2.50
C ASN E 62 9.03 17.04 3.44
N VAL E 63 8.08 17.86 2.99
CA VAL E 63 6.90 18.17 3.77
C VAL E 63 6.07 16.93 4.11
N ASN E 64 5.97 15.99 3.18
CA ASN E 64 5.30 14.72 3.47
C ASN E 64 5.94 14.06 4.65
N GLU E 65 7.26 14.16 4.75
CA GLU E 65 7.94 13.54 5.88
C GLU E 65 7.68 14.26 7.20
N ILE E 66 7.53 15.58 7.14
CA ILE E 66 7.22 16.35 8.34
C ILE E 66 5.83 15.98 8.87
N TRP E 67 4.86 15.97 7.97
CA TRP E 67 3.51 15.55 8.33
C TRP E 67 3.43 14.22 9.04
N ARG E 68 4.25 13.29 8.62
CA ARG E 68 4.24 11.95 9.17
C ARG E 68 4.68 11.97 10.63
N GLU E 69 5.72 12.72 10.91
CA GLU E 69 6.23 12.81 12.28
C GLU E 69 5.22 13.50 13.16
N VAL E 70 4.57 14.50 12.61
CA VAL E 70 3.57 15.23 13.33
C VAL E 70 2.45 14.25 13.65
N GLY E 71 2.12 13.40 12.67
CA GLY E 71 1.13 12.37 12.90
C GLY E 71 1.53 11.46 14.04
N ARG E 72 2.77 10.98 14.02
CA ARG E 72 3.26 10.10 15.06
C ARG E 72 3.18 10.66 16.47
N GLN E 73 3.59 11.94 16.63
CA GLN E 73 3.59 12.62 17.94
C GLN E 73 2.18 12.93 18.46
N ASN E 74 1.26 13.25 17.57
CA ASN E 74 -0.01 13.78 18.00
C ASN E 74 -0.88 12.78 18.79
N ILE E 75 -0.69 11.49 18.54
CA ILE E 75 -1.42 10.45 19.26
C ILE E 75 -1.25 10.61 20.79
N LYS E 76 -0.02 10.83 21.22
CA LYS E 76 0.20 11.08 22.65
C LYS E 76 -0.64 12.26 23.11
N THR E 77 -0.66 13.32 22.30
CA THR E 77 -1.43 14.51 22.66
C THR E 77 -2.95 14.19 22.74
N PHE E 78 -3.45 13.53 21.71
CA PHE E 78 -4.84 13.14 21.67
C PHE E 78 -5.20 12.23 22.83
N SER E 79 -4.28 11.37 23.26
CA SER E 79 -4.59 10.49 24.41
C SER E 79 -4.68 11.30 25.71
N GLU E 80 -4.01 12.43 25.73
CA GLU E 80 -4.11 13.35 26.85
C GLU E 80 -5.40 14.15 26.78
N TRP E 81 -5.85 14.49 25.57
CA TRP E 81 -7.11 15.18 25.49
C TRP E 81 -8.30 14.32 25.92
N PHE E 82 -8.35 13.09 25.42
CA PHE E 82 -9.49 12.21 25.58
C PHE E 82 -9.03 10.80 25.94
N PRO E 83 -8.58 10.61 27.18
CA PRO E 83 -8.08 9.27 27.54
C PRO E 83 -9.10 8.15 27.36
N SER E 84 -10.39 8.45 27.45
CA SER E 84 -11.38 7.36 27.47
C SER E 84 -11.60 6.74 26.09
N TYR E 85 -11.15 7.42 25.05
CA TYR E 85 -11.24 6.83 23.72
C TYR E 85 -10.14 5.82 23.51
N PHE E 86 -9.12 5.83 24.36
CA PHE E 86 -7.99 4.91 24.19
C PHE E 86 -8.09 3.73 25.15
N ALA E 87 -8.58 4.01 26.35
CA ALA E 87 -8.57 3.07 27.47
C ALA E 87 -9.24 1.73 27.19
N GLY E 88 -8.58 0.66 27.59
CA GLY E 88 -9.13 -0.69 27.54
C GLY E 88 -9.48 -1.26 26.18
N ARG E 89 -8.98 -0.64 25.12
CA ARG E 89 -9.21 -1.11 23.76
C ARG E 89 -8.01 -1.83 23.16
N ARG E 90 -8.27 -2.77 22.25
CA ARG E 90 -7.24 -3.29 21.38
C ARG E 90 -6.95 -2.26 20.28
N LEU E 91 -5.76 -2.31 19.69
CA LEU E 91 -5.44 -1.38 18.61
C LEU E 91 -6.49 -1.53 17.54
N VAL E 92 -6.78 -2.76 17.18
CA VAL E 92 -7.75 -2.99 16.13
C VAL E 92 -9.12 -2.42 16.59
N ASN E 93 -9.47 -2.48 17.88
CA ASN E 93 -10.70 -1.81 18.36
C ASN E 93 -10.63 -0.34 18.01
N PHE E 94 -9.53 0.27 18.46
CA PHE E 94 -9.33 1.71 18.28
C PHE E 94 -9.43 2.09 16.79
N LEU E 95 -8.79 1.34 15.90
CA LEU E 95 -8.83 1.69 14.49
C LEU E 95 -10.24 1.57 13.90
N MET E 96 -10.95 0.49 14.24
CA MET E 96 -12.27 0.29 13.69
C MET E 96 -13.28 1.27 14.29
N MET E 97 -13.01 1.80 15.47
CA MET E 97 -13.91 2.77 16.14
C MET E 97 -13.68 4.22 15.77
N MET E 98 -12.56 4.51 15.12
CA MET E 98 -12.18 5.88 14.97
C MET E 98 -13.17 6.73 14.17
N ASP E 99 -13.78 6.15 13.15
CA ASP E 99 -14.70 6.93 12.38
C ASP E 99 -15.84 7.40 13.28
N GLU E 100 -16.32 6.52 14.16
CA GLU E 100 -17.40 6.91 15.07
C GLU E 100 -16.92 7.91 16.10
N VAL E 101 -15.65 7.81 16.50
CA VAL E 101 -15.06 8.77 17.44
C VAL E 101 -14.93 10.15 16.80
N HIS E 102 -14.47 10.18 15.55
CA HIS E 102 -14.36 11.43 14.80
C HIS E 102 -15.78 12.07 14.69
N LEU E 103 -16.82 11.26 14.51
CA LEU E 103 -18.19 11.79 14.43
C LEU E 103 -18.60 12.41 15.77
N GLN E 104 -18.23 11.78 16.88
CA GLN E 104 -18.63 12.34 18.17
C GLN E 104 -17.87 13.61 18.46
N LEU E 105 -16.62 13.69 18.02
CA LEU E 105 -15.81 14.87 18.23
C LEU E 105 -16.42 16.06 17.54
N THR E 106 -17.07 15.84 16.40
CA THR E 106 -17.66 16.98 15.69
C THR E 106 -18.81 17.62 16.51
N LYS E 107 -19.39 16.84 17.42
CA LYS E 107 -20.46 17.34 18.26
C LYS E 107 -19.88 18.05 19.45
N MET E 108 -18.60 17.87 19.74
CA MET E 108 -18.04 18.56 20.89
C MET E 108 -17.16 19.72 20.50
N ILE E 109 -16.68 19.72 19.26
CA ILE E 109 -15.77 20.73 18.75
C ILE E 109 -16.42 21.37 17.54
N LYS E 110 -17.17 22.43 17.79
CA LYS E 110 -18.09 22.97 16.80
C LYS E 110 -17.35 23.32 15.52
N GLY E 111 -17.81 22.75 14.40
CA GLY E 111 -17.20 23.02 13.12
C GLY E 111 -16.00 22.16 12.76
N ALA E 112 -15.54 21.29 13.65
CA ALA E 112 -14.40 20.43 13.30
C ALA E 112 -14.82 19.50 12.17
N THR E 113 -13.91 19.25 11.23
CA THR E 113 -14.24 18.41 10.08
C THR E 113 -13.18 17.34 9.81
N PRO E 114 -13.04 16.38 10.73
CA PRO E 114 -12.07 15.31 10.49
C PRO E 114 -12.56 14.39 9.38
N PRO E 115 -11.65 13.69 8.74
CA PRO E 115 -11.97 12.77 7.64
C PRO E 115 -12.77 11.54 8.05
N ARG E 116 -13.46 10.99 7.04
CA ARG E 116 -14.05 9.67 7.19
C ARG E 116 -12.93 8.61 7.13
N LEU E 117 -13.06 7.64 8.03
CA LEU E 117 -12.07 6.59 8.15
C LEU E 117 -12.73 5.24 8.26
N ILE E 118 -13.39 4.79 7.19
CA ILE E 118 -14.12 3.52 7.22
C ILE E 118 -13.14 2.36 7.26
N ALA E 119 -13.28 1.56 8.32
CA ALA E 119 -12.47 0.36 8.51
C ALA E 119 -13.33 -0.86 8.28
N LYS E 120 -12.79 -1.90 7.63
CA LYS E 120 -13.52 -3.16 7.36
C LYS E 120 -12.63 -4.35 7.65
N PRO E 121 -13.11 -5.32 8.42
CA PRO E 121 -12.31 -6.56 8.57
C PRO E 121 -12.37 -7.40 7.27
N VAL E 122 -11.26 -7.52 6.55
CA VAL E 122 -11.24 -8.15 5.24
C VAL E 122 -10.69 -9.59 5.27
N ALA E 123 -9.99 -9.92 6.34
CA ALA E 123 -9.39 -11.23 6.47
C ALA E 123 -9.30 -11.53 7.95
N LYS E 124 -8.91 -12.77 8.26
CA LYS E 124 -8.82 -13.28 9.63
C LYS E 124 -7.98 -12.40 10.55
N ASP E 125 -6.90 -11.84 10.01
CA ASP E 125 -6.01 -11.03 10.83
C ASP E 125 -5.71 -9.70 10.17
N ALA E 126 -6.67 -9.13 9.44
CA ALA E 126 -6.40 -7.83 8.83
C ALA E 126 -7.66 -6.99 8.60
N ILE E 127 -7.46 -5.67 8.63
CA ILE E 127 -8.50 -4.75 8.23
C ILE E 127 -8.05 -3.86 7.05
N GLU E 128 -8.99 -3.35 6.29
CA GLU E 128 -8.68 -2.30 5.36
C GLU E 128 -9.29 -1.00 5.89
N MET E 129 -8.51 0.06 5.91
CA MET E 129 -9.00 1.35 6.40
C MET E 129 -8.88 2.40 5.30
N GLU E 130 -9.98 3.05 4.96
CA GLU E 130 -9.95 4.02 3.89
C GLU E 130 -10.09 5.43 4.42
N TYR E 131 -9.07 6.24 4.18
CA TYR E 131 -9.06 7.66 4.50
C TYR E 131 -9.80 8.39 3.42
N VAL E 132 -10.80 9.19 3.80
CA VAL E 132 -11.53 9.97 2.80
C VAL E 132 -11.71 11.41 3.29
N SER E 133 -11.27 12.39 2.50
CA SER E 133 -11.34 13.79 2.92
C SER E 133 -11.41 14.70 1.71
N LYS E 134 -11.93 15.91 1.89
CA LYS E 134 -11.83 16.87 0.79
C LYS E 134 -10.46 17.52 0.85
N ARG E 135 -9.66 17.09 1.82
CA ARG E 135 -8.36 17.67 2.07
C ARG E 135 -7.47 16.53 1.59
N LYS E 136 -6.15 16.67 1.69
CA LYS E 136 -5.23 15.64 1.20
C LYS E 136 -4.09 15.40 2.14
N MET E 137 -4.33 14.82 3.28
CA MET E 137 -3.26 14.68 4.25
C MET E 137 -2.90 13.22 4.51
N TYR E 138 -2.46 12.55 3.43
CA TYR E 138 -2.13 11.13 3.41
C TYR E 138 -1.10 10.80 4.45
N ASP E 139 -0.06 11.62 4.46
CA ASP E 139 1.11 11.36 5.29
C ASP E 139 0.79 11.56 6.74
N TYR E 140 -0.07 12.55 7.00
CA TYR E 140 -0.55 12.80 8.36
C TYR E 140 -1.38 11.60 8.82
N PHE E 141 -2.28 11.14 7.95
CA PHE E 141 -3.06 9.91 8.18
C PHE E 141 -2.11 8.77 8.56
N LEU E 142 -1.04 8.57 7.78
CA LEU E 142 -0.19 7.41 8.01
C LEU E 142 0.57 7.51 9.33
N GLY E 143 1.02 8.72 9.62
CA GLY E 143 1.68 8.98 10.87
C GLY E 143 0.82 8.68 12.09
N LEU E 144 -0.47 8.99 12.01
CA LEU E 144 -1.36 8.75 13.13
C LEU E 144 -1.52 7.24 13.40
N ILE E 145 -1.63 6.45 12.32
CA ILE E 145 -1.70 5.00 12.42
C ILE E 145 -0.42 4.45 13.07
N GLU E 146 0.74 4.89 12.57
CA GLU E 146 2.02 4.45 13.12
C GLU E 146 2.07 4.82 14.59
N GLY E 147 1.66 6.05 14.90
CA GLY E 147 1.55 6.50 16.29
C GLY E 147 0.59 5.69 17.14
N SER E 148 -0.50 5.24 16.53
CA SER E 148 -1.47 4.38 17.23
C SER E 148 -0.83 3.04 17.59
N SER E 149 -0.06 2.50 16.64
CA SER E 149 0.68 1.26 16.86
C SER E 149 1.68 1.39 18.01
N LYS E 150 2.42 2.51 18.01
CA LYS E 150 3.34 2.83 19.10
C LYS E 150 2.62 2.96 20.44
N PHE E 151 1.50 3.69 20.48
CA PHE E 151 0.76 3.88 21.75
C PHE E 151 0.28 2.54 22.31
N PHE E 152 -0.33 1.70 21.48
CA PHE E 152 -0.91 0.46 22.00
C PHE E 152 0.09 -0.69 22.08
N LYS E 153 1.31 -0.46 21.61
CA LYS E 153 2.34 -1.47 21.68
C LYS E 153 1.92 -2.76 20.97
N GLU E 154 1.33 -2.58 19.79
CA GLU E 154 1.00 -3.70 18.93
C GLU E 154 1.65 -3.41 17.58
N GLU E 155 2.53 -4.29 17.15
CA GLU E 155 3.21 -4.08 15.87
C GLU E 155 2.31 -4.48 14.69
N ILE E 156 2.39 -3.73 13.59
CA ILE E 156 1.58 -3.99 12.40
C ILE E 156 2.42 -3.83 11.19
N SER E 157 1.91 -4.35 10.08
CA SER E 157 2.43 -3.99 8.75
C SER E 157 1.38 -3.19 8.00
N VAL E 158 1.79 -2.09 7.36
CA VAL E 158 0.82 -1.23 6.68
C VAL E 158 1.09 -1.12 5.17
N GLU E 159 0.16 -1.58 4.36
CA GLU E 159 0.38 -1.44 2.95
C GLU E 159 -0.72 -0.70 2.22
N GLU E 160 -0.32 0.29 1.43
CA GLU E 160 -1.22 1.03 0.55
C GLU E 160 -1.62 0.13 -0.59
N VAL E 161 -2.92 0.01 -0.82
CA VAL E 161 -3.46 -0.86 -1.85
C VAL E 161 -4.21 -0.04 -2.91
N GLU E 162 -4.63 1.18 -2.55
CA GLU E 162 -5.44 2.07 -3.40
C GLU E 162 -5.23 3.51 -2.99
N ARG E 163 -5.21 4.38 -3.97
CA ARG E 163 -5.04 5.78 -3.73
C ARG E 163 -5.77 6.48 -4.86
N GLY E 164 -6.27 7.69 -4.62
CA GLY E 164 -7.04 8.37 -5.62
C GLY E 164 -7.81 9.63 -5.21
N GLU E 165 -8.11 10.42 -6.24
CA GLU E 165 -8.92 11.62 -6.07
C GLU E 165 -10.07 11.55 -7.03
N LYS E 166 -11.25 11.29 -6.50
CA LYS E 166 -12.48 11.18 -7.27
C LYS E 166 -13.59 12.08 -6.71
N ASP E 167 -14.32 12.70 -7.63
CA ASP E 167 -15.42 13.65 -7.36
C ASP E 167 -15.23 14.62 -6.18
N GLY E 168 -14.05 15.20 -6.05
CA GLY E 168 -13.78 16.20 -5.02
C GLY E 168 -13.22 15.69 -3.70
N PHE E 169 -13.08 14.39 -3.57
CA PHE E 169 -12.58 13.78 -2.35
C PHE E 169 -11.24 13.09 -2.56
N SER E 170 -10.30 13.32 -1.66
CA SER E 170 -9.09 12.55 -1.69
C SER E 170 -9.30 11.25 -0.93
N ARG E 171 -8.83 10.12 -1.49
CA ARG E 171 -9.00 8.82 -0.87
C ARG E 171 -7.72 7.98 -0.81
N LEU E 172 -7.55 7.28 0.31
CA LEU E 172 -6.42 6.39 0.53
C LEU E 172 -6.80 5.17 1.35
N LYS E 173 -6.69 3.99 0.77
CA LYS E 173 -6.97 2.74 1.46
C LYS E 173 -5.68 2.00 1.78
N VAL E 174 -5.57 1.59 3.04
CA VAL E 174 -4.45 0.80 3.47
C VAL E 174 -4.95 -0.50 4.03
N ARG E 175 -4.11 -1.51 3.90
CA ARG E 175 -4.36 -2.80 4.49
C ARG E 175 -3.42 -2.94 5.68
N ILE E 176 -4.04 -3.20 6.83
CA ILE E 176 -3.34 -3.29 8.09
C ILE E 176 -3.41 -4.71 8.66
N LYS E 177 -2.25 -5.39 8.73
CA LYS E 177 -2.18 -6.77 9.22
C LYS E 177 -1.65 -6.79 10.66
N PHE E 178 -2.28 -7.61 11.50
CA PHE E 178 -1.93 -7.79 12.91
C PHE E 178 -1.30 -9.17 13.17
N LYS E 179 -0.66 -9.32 14.32
CA LYS E 179 -0.13 -10.63 14.72
C LYS E 179 -1.17 -11.58 15.33
N ASN E 180 -2.34 -11.06 15.68
CA ASN E 180 -3.41 -11.90 16.22
C ASN E 180 -4.65 -11.68 15.36
N PRO E 181 -5.52 -12.70 15.28
CA PRO E 181 -6.73 -12.51 14.48
C PRO E 181 -7.65 -11.37 15.02
N VAL E 182 -8.40 -10.76 14.11
CA VAL E 182 -9.32 -9.71 14.49
C VAL E 182 -10.41 -10.30 15.40
N PHE E 183 -11.03 -11.41 14.99
CA PHE E 183 -12.05 -12.07 15.81
C PHE E 183 -11.67 -13.50 16.16
N GLU E 184 -10.72 -13.64 17.06
CA GLU E 184 -10.20 -14.95 17.42
C GLU E 184 -11.18 -15.72 18.28
N TYR E 185 -11.33 -17.00 17.99
CA TYR E 185 -11.94 -17.95 18.94
C TYR E 185 -10.86 -18.66 19.75
N LYS E 186 -10.98 -18.59 21.07
CA LYS E 186 -10.02 -19.27 21.95
C LYS E 186 -10.49 -20.68 22.31
N MET F 1 36.55 -23.77 -31.69
CA MET F 1 35.56 -22.94 -32.36
C MET F 1 34.25 -23.74 -32.45
N LYS F 2 33.12 -23.04 -32.27
CA LYS F 2 31.83 -23.69 -32.29
C LYS F 2 31.40 -23.92 -33.73
N GLY F 3 30.68 -25.03 -33.95
CA GLY F 3 30.21 -25.42 -35.25
C GLY F 3 29.39 -24.32 -35.91
N THR F 4 28.68 -23.55 -35.08
CA THR F 4 27.84 -22.46 -35.56
C THR F 4 28.56 -21.51 -36.49
N ILE F 5 29.69 -21.02 -36.01
CA ILE F 5 30.41 -20.04 -36.77
C ILE F 5 31.14 -20.74 -37.89
N VAL F 6 31.69 -21.91 -37.62
CA VAL F 6 32.50 -22.60 -38.62
C VAL F 6 31.69 -23.02 -39.82
N GLY F 7 30.48 -23.53 -39.55
CA GLY F 7 29.59 -23.96 -40.60
C GLY F 7 29.32 -22.78 -41.51
N THR F 8 29.12 -21.61 -40.90
CA THR F 8 28.98 -20.34 -41.61
C THR F 8 30.26 -19.92 -42.37
N TRP F 9 31.44 -20.12 -41.79
CA TRP F 9 32.66 -19.77 -42.49
C TRP F 9 32.77 -20.59 -43.79
N ILE F 10 32.54 -21.89 -43.69
CA ILE F 10 32.57 -22.78 -44.86
C ILE F 10 31.65 -22.31 -45.96
N LYS F 11 30.43 -21.96 -45.57
CA LYS F 11 29.44 -21.56 -46.55
C LYS F 11 29.82 -20.21 -47.14
N THR F 12 30.39 -19.33 -46.33
CA THR F 12 30.84 -18.04 -46.87
C THR F 12 32.00 -18.21 -47.85
N LEU F 13 32.92 -19.12 -47.53
CA LEU F 13 34.01 -19.41 -48.47
C LEU F 13 33.42 -19.91 -49.79
N ARG F 14 32.38 -20.72 -49.70
CA ARG F 14 31.80 -21.28 -50.92
C ARG F 14 31.27 -20.18 -51.81
N ASP F 15 30.55 -19.23 -51.23
CA ASP F 15 30.10 -18.11 -52.04
C ASP F 15 31.25 -17.26 -52.62
N LEU F 16 32.35 -17.15 -51.87
CA LEU F 16 33.43 -16.25 -52.24
C LEU F 16 34.33 -16.81 -53.33
N TYR F 17 34.72 -18.07 -53.20
CA TYR F 17 35.77 -18.63 -54.04
C TYR F 17 35.30 -19.86 -54.82
N GLY F 18 34.08 -20.32 -54.59
CA GLY F 18 33.55 -21.44 -55.36
C GLY F 18 33.60 -22.82 -54.70
N ASN F 19 32.73 -23.70 -55.17
CA ASN F 19 32.60 -25.02 -54.55
C ASN F 19 33.77 -25.95 -54.60
N ASP F 20 34.50 -26.07 -55.67
CA ASP F 20 35.53 -27.07 -55.47
C ASP F 20 36.91 -26.48 -55.37
N VAL F 21 36.98 -25.20 -55.01
CA VAL F 21 38.06 -24.72 -54.16
C VAL F 21 37.83 -25.19 -52.70
N VAL F 22 36.58 -25.03 -52.22
CA VAL F 22 36.19 -25.39 -50.83
C VAL F 22 36.17 -26.90 -50.63
N ASP F 23 35.62 -27.62 -51.60
CA ASP F 23 35.58 -29.08 -51.56
C ASP F 23 36.96 -29.69 -51.34
N GLU F 24 37.92 -29.20 -52.12
CA GLU F 24 39.27 -29.76 -52.06
C GLU F 24 40.01 -29.35 -50.77
N SER F 25 39.78 -28.13 -50.30
CA SER F 25 40.40 -27.72 -49.04
C SER F 25 39.90 -28.56 -47.89
N LEU F 26 38.60 -28.88 -47.95
CA LEU F 26 37.95 -29.71 -46.95
C LEU F 26 38.57 -31.12 -46.95
N LYS F 27 38.68 -31.70 -48.14
CA LYS F 27 39.40 -32.97 -48.28
C LYS F 27 40.80 -32.89 -47.66
N SER F 28 41.48 -31.74 -47.81
CA SER F 28 42.85 -31.56 -47.30
C SER F 28 42.99 -31.81 -45.81
N VAL F 29 41.91 -31.65 -45.06
CA VAL F 29 41.99 -31.92 -43.63
C VAL F 29 41.24 -33.23 -43.30
N GLY F 30 40.80 -33.93 -44.35
CA GLY F 30 40.18 -35.23 -44.13
C GLY F 30 38.69 -35.15 -43.84
N TRP F 31 38.03 -34.12 -44.32
CA TRP F 31 36.60 -34.06 -44.19
C TRP F 31 36.03 -34.37 -45.56
N GLU F 32 34.88 -35.04 -45.57
CA GLU F 32 34.07 -35.14 -46.77
C GLU F 32 33.54 -33.75 -47.10
N PRO F 33 33.55 -33.37 -48.39
CA PRO F 33 33.11 -32.03 -48.80
C PRO F 33 31.71 -31.66 -48.35
N ASP F 34 30.82 -32.62 -48.12
CA ASP F 34 29.45 -32.26 -47.72
C ASP F 34 29.23 -32.49 -46.23
N ARG F 35 30.31 -32.49 -45.45
CA ARG F 35 30.19 -32.73 -44.02
C ARG F 35 29.23 -31.77 -43.33
N VAL F 36 28.29 -32.35 -42.58
CA VAL F 36 27.35 -31.56 -41.78
C VAL F 36 27.92 -31.29 -40.41
N ILE F 37 27.92 -30.00 -40.03
CA ILE F 37 28.45 -29.49 -38.77
C ILE F 37 27.32 -28.94 -37.87
N THR F 38 27.24 -29.39 -36.61
CA THR F 38 26.17 -28.88 -35.73
C THR F 38 26.53 -27.58 -35.00
N PRO F 39 25.52 -26.82 -34.58
CA PRO F 39 25.87 -25.51 -34.00
C PRO F 39 26.71 -25.60 -32.73
N LEU F 40 26.53 -26.61 -31.90
CA LEU F 40 27.24 -26.63 -30.64
C LEU F 40 28.42 -27.58 -30.55
N GLU F 41 28.69 -28.30 -31.62
CA GLU F 41 29.89 -29.13 -31.60
C GLU F 41 31.14 -28.24 -31.60
N ASP F 42 32.23 -28.82 -31.10
CA ASP F 42 33.54 -28.19 -31.04
C ASP F 42 34.49 -28.59 -32.18
N ILE F 43 34.87 -27.61 -32.97
CA ILE F 43 35.79 -27.85 -34.08
C ILE F 43 37.20 -27.42 -33.71
N ASP F 44 38.17 -28.29 -33.95
CA ASP F 44 39.57 -27.96 -33.68
C ASP F 44 39.98 -26.70 -34.48
N ASP F 45 40.50 -25.69 -33.80
CA ASP F 45 40.83 -24.41 -34.44
C ASP F 45 41.91 -24.63 -35.52
N ASP F 46 42.85 -25.52 -35.24
CA ASP F 46 43.95 -25.80 -36.17
C ASP F 46 43.42 -26.38 -37.49
N GLU F 47 42.28 -27.10 -37.45
CA GLU F 47 41.66 -27.61 -38.69
C GLU F 47 41.11 -26.48 -39.52
N VAL F 48 40.51 -25.55 -38.81
CA VAL F 48 40.03 -24.35 -39.48
C VAL F 48 41.23 -23.62 -40.06
N ARG F 49 42.31 -23.53 -39.30
CA ARG F 49 43.49 -22.84 -39.81
C ARG F 49 43.97 -23.48 -41.12
N ARG F 50 43.94 -24.82 -41.16
CA ARG F 50 44.47 -25.58 -42.31
C ARG F 50 43.57 -25.43 -43.51
N ILE F 51 42.26 -25.37 -43.27
CA ILE F 51 41.28 -25.13 -44.33
C ILE F 51 41.47 -23.78 -45.03
N PHE F 52 41.62 -22.73 -44.23
CA PHE F 52 41.79 -21.41 -44.80
C PHE F 52 43.16 -21.26 -45.55
N ALA F 53 44.20 -21.92 -45.04
CA ALA F 53 45.51 -21.90 -45.71
C ALA F 53 45.38 -22.48 -47.11
N LYS F 54 44.69 -23.63 -47.23
CA LYS F 54 44.51 -24.30 -48.52
C LYS F 54 43.72 -23.45 -49.50
N VAL F 55 42.71 -22.76 -49.02
CA VAL F 55 41.93 -21.92 -49.90
C VAL F 55 42.82 -20.83 -50.46
N SER F 56 43.71 -20.32 -49.61
CA SER F 56 44.63 -19.27 -50.00
C SER F 56 45.58 -19.72 -51.08
N GLU F 57 46.14 -20.89 -50.86
CA GLU F 57 47.03 -21.55 -51.79
C GLU F 57 46.29 -21.69 -53.10
N LYS F 58 45.04 -22.13 -53.03
CA LYS F 58 44.33 -22.46 -54.24
C LYS F 58 43.81 -21.24 -54.93
N THR F 59 43.61 -20.16 -54.20
CA THR F 59 43.01 -19.01 -54.83
C THR F 59 44.08 -18.01 -55.28
N GLY F 60 45.27 -18.12 -54.71
CA GLY F 60 46.30 -17.14 -54.99
C GLY F 60 46.29 -15.92 -54.09
N LYS F 61 45.25 -15.83 -53.24
CA LYS F 61 45.05 -14.78 -52.23
C LYS F 61 45.80 -15.13 -50.96
N ASN F 62 46.36 -14.14 -50.28
CA ASN F 62 46.85 -14.35 -48.94
C ASN F 62 45.65 -14.64 -47.94
N VAL F 63 45.85 -15.54 -47.01
CA VAL F 63 44.81 -15.92 -46.08
C VAL F 63 44.27 -14.71 -45.27
N ASN F 64 45.15 -13.80 -44.87
CA ASN F 64 44.73 -12.58 -44.20
C ASN F 64 43.70 -11.82 -45.04
N GLU F 65 43.89 -11.82 -46.35
CA GLU F 65 42.94 -11.14 -47.24
C GLU F 65 41.59 -11.87 -47.28
N ILE F 66 41.64 -13.20 -47.14
CA ILE F 66 40.43 -14.02 -47.12
C ILE F 66 39.61 -13.83 -45.82
N TRP F 67 40.29 -13.86 -44.68
CA TRP F 67 39.70 -13.57 -43.39
C TRP F 67 39.03 -12.21 -43.41
N ARG F 68 39.68 -11.24 -44.05
CA ARG F 68 39.09 -9.91 -44.10
C ARG F 68 37.78 -9.95 -44.88
N GLU F 69 37.82 -10.60 -46.04
CA GLU F 69 36.63 -10.63 -46.88
C GLU F 69 35.49 -11.39 -46.17
N VAL F 70 35.83 -12.49 -45.48
CA VAL F 70 34.88 -13.28 -44.71
C VAL F 70 34.30 -12.45 -43.54
N GLY F 71 35.15 -11.69 -42.86
CA GLY F 71 34.65 -10.77 -41.86
C GLY F 71 33.64 -9.82 -42.46
N ARG F 72 33.92 -9.24 -43.63
CA ARG F 72 32.96 -8.34 -44.30
C ARG F 72 31.62 -9.02 -44.55
N GLN F 73 31.64 -10.28 -44.96
CA GLN F 73 30.40 -10.94 -45.31
C GLN F 73 29.56 -11.29 -44.12
N ASN F 74 30.22 -11.64 -43.03
CA ASN F 74 29.57 -12.20 -41.87
C ASN F 74 28.66 -11.20 -41.17
N ILE F 75 28.94 -9.91 -41.24
CA ILE F 75 28.08 -8.92 -40.58
C ILE F 75 26.62 -9.09 -41.02
N LYS F 76 26.38 -9.21 -42.32
CA LYS F 76 25.01 -9.44 -42.83
C LYS F 76 24.38 -10.70 -42.27
N THR F 77 25.16 -11.79 -42.24
CA THR F 77 24.69 -13.07 -41.70
C THR F 77 24.35 -12.94 -40.18
N PHE F 78 25.22 -12.28 -39.42
CA PHE F 78 24.96 -12.05 -38.02
C PHE F 78 23.70 -11.25 -37.85
N SER F 79 23.46 -10.29 -38.76
CA SER F 79 22.29 -9.41 -38.65
C SER F 79 20.99 -10.16 -38.88
N GLU F 80 21.09 -11.28 -39.61
CA GLU F 80 19.94 -12.16 -39.80
C GLU F 80 19.71 -13.07 -38.63
N TRP F 81 20.78 -13.56 -38.01
CA TRP F 81 20.69 -14.37 -36.81
C TRP F 81 20.04 -13.65 -35.64
N PHE F 82 20.51 -12.41 -35.39
CA PHE F 82 20.11 -11.62 -34.26
C PHE F 82 19.84 -10.16 -34.63
N PRO F 83 18.76 -9.92 -35.35
CA PRO F 83 18.48 -8.57 -35.83
C PRO F 83 18.35 -7.57 -34.69
N SER F 84 18.01 -8.04 -33.50
CA SER F 84 17.70 -7.11 -32.42
C SER F 84 18.99 -6.50 -31.85
N TYR F 85 20.14 -7.09 -32.17
CA TYR F 85 21.43 -6.50 -31.81
C TYR F 85 21.79 -5.36 -32.75
N PHE F 86 21.12 -5.31 -33.89
CA PHE F 86 21.42 -4.30 -34.91
C PHE F 86 20.35 -3.20 -34.93
N ALA F 87 19.09 -3.56 -34.67
CA ALA F 87 17.96 -2.65 -34.83
C ALA F 87 18.13 -1.31 -34.07
N GLY F 88 17.84 -0.23 -34.77
CA GLY F 88 17.86 1.10 -34.17
C GLY F 88 19.16 1.64 -33.61
N ARG F 89 20.29 1.03 -33.98
CA ARG F 89 21.61 1.46 -33.49
C ARG F 89 22.31 2.41 -34.48
N ARG F 90 23.11 3.30 -33.94
CA ARG F 90 24.11 4.00 -34.73
C ARG F 90 25.30 3.07 -34.84
N LEU F 91 26.14 3.22 -35.85
CA LEU F 91 27.27 2.34 -35.99
C LEU F 91 28.09 2.35 -34.72
N VAL F 92 28.40 3.55 -34.23
CA VAL F 92 29.24 3.69 -33.05
C VAL F 92 28.58 3.03 -31.82
N ASN F 93 27.24 3.06 -31.73
CA ASN F 93 26.56 2.31 -30.67
C ASN F 93 26.89 0.83 -30.81
N PHE F 94 26.72 0.33 -32.03
CA PHE F 94 26.91 -1.09 -32.30
C PHE F 94 28.31 -1.57 -31.87
N LEU F 95 29.33 -0.80 -32.26
CA LEU F 95 30.71 -1.14 -31.91
C LEU F 95 30.98 -1.01 -30.39
N MET F 96 30.44 0.03 -29.78
CA MET F 96 30.67 0.22 -28.36
C MET F 96 29.96 -0.82 -27.52
N MET F 97 28.86 -1.35 -28.04
CA MET F 97 28.05 -2.36 -27.35
C MET F 97 28.53 -3.79 -27.60
N MET F 98 29.45 -3.96 -28.53
CA MET F 98 29.78 -5.30 -28.97
C MET F 98 30.39 -6.21 -27.89
N ASP F 99 31.23 -5.67 -27.00
CA ASP F 99 31.80 -6.54 -25.97
C ASP F 99 30.64 -7.14 -25.13
N GLU F 100 29.66 -6.31 -24.79
CA GLU F 100 28.54 -6.75 -23.98
C GLU F 100 27.69 -7.73 -24.75
N VAL F 101 27.60 -7.52 -26.06
CA VAL F 101 26.82 -8.47 -26.87
C VAL F 101 27.50 -9.84 -26.93
N HIS F 102 28.82 -9.86 -27.13
CA HIS F 102 29.58 -11.12 -27.14
C HIS F 102 29.42 -11.85 -25.78
N LEU F 103 29.39 -11.10 -24.69
CA LEU F 103 29.18 -11.71 -23.38
C LEU F 103 27.81 -12.39 -23.27
N GLN F 104 26.76 -11.77 -23.81
CA GLN F 104 25.46 -12.40 -23.77
C GLN F 104 25.40 -13.62 -24.68
N LEU F 105 26.11 -13.56 -25.80
CA LEU F 105 26.17 -14.68 -26.71
C LEU F 105 26.81 -15.91 -26.07
N THR F 106 27.79 -15.69 -25.20
CA THR F 106 28.37 -16.85 -24.53
C THR F 106 27.38 -17.56 -23.60
N LYS F 107 26.34 -16.85 -23.14
CA LYS F 107 25.34 -17.46 -22.26
C LYS F 107 24.28 -18.19 -23.06
N MET F 108 24.26 -17.93 -24.36
CA MET F 108 23.29 -18.56 -25.24
C MET F 108 23.90 -19.67 -26.13
N ILE F 109 25.20 -19.64 -26.37
CA ILE F 109 25.86 -20.65 -27.22
C ILE F 109 26.98 -21.30 -26.42
N LYS F 110 26.64 -22.41 -25.75
CA LYS F 110 27.46 -22.99 -24.70
C LYS F 110 28.84 -23.30 -25.22
N GLY F 111 29.85 -22.83 -24.48
CA GLY F 111 31.22 -23.05 -24.88
C GLY F 111 31.81 -22.03 -25.87
N ALA F 112 31.00 -21.11 -26.36
CA ALA F 112 31.51 -20.09 -27.26
C ALA F 112 32.48 -19.16 -26.55
N THR F 113 33.54 -18.78 -27.22
CA THR F 113 34.52 -17.87 -26.61
C THR F 113 34.90 -16.76 -27.56
N PRO F 114 33.98 -15.83 -27.83
CA PRO F 114 34.33 -14.72 -28.71
C PRO F 114 35.32 -13.82 -28.02
N PRO F 115 36.08 -13.04 -28.80
CA PRO F 115 37.11 -12.19 -28.18
C PRO F 115 36.53 -11.01 -27.37
N ARG F 116 37.34 -10.50 -26.44
CA ARG F 116 37.03 -9.24 -25.79
C ARG F 116 37.22 -8.07 -26.77
N LEU F 117 36.31 -7.11 -26.72
CA LEU F 117 36.41 -5.98 -27.63
C LEU F 117 36.17 -4.63 -26.96
N ILE F 118 37.01 -4.25 -25.99
CA ILE F 118 36.71 -3.02 -25.25
C ILE F 118 36.94 -1.79 -26.15
N ALA F 119 35.87 -1.02 -26.31
CA ALA F 119 35.90 0.19 -27.12
C ALA F 119 35.82 1.44 -26.24
N LYS F 120 36.53 2.52 -26.59
CA LYS F 120 36.51 3.76 -25.75
C LYS F 120 36.40 5.01 -26.59
N PRO F 121 35.47 5.90 -26.26
CA PRO F 121 35.48 7.16 -27.02
C PRO F 121 36.71 8.01 -26.66
N VAL F 122 37.63 8.20 -27.61
CA VAL F 122 38.89 8.89 -27.36
C VAL F 122 38.90 10.34 -27.83
N ALA F 123 37.92 10.71 -28.66
CA ALA F 123 37.87 12.05 -29.20
C ALA F 123 36.42 12.40 -29.49
N LYS F 124 36.15 13.64 -29.83
CA LYS F 124 34.78 14.03 -30.15
C LYS F 124 34.19 13.18 -31.28
N ASP F 125 35.02 12.75 -32.23
CA ASP F 125 34.52 11.97 -33.36
C ASP F 125 35.25 10.62 -33.59
N ALA F 126 35.75 10.00 -32.54
CA ALA F 126 36.45 8.73 -32.70
C ALA F 126 36.45 7.82 -31.46
N ILE F 127 36.50 6.52 -31.72
CA ILE F 127 36.72 5.57 -30.66
C ILE F 127 37.97 4.73 -30.90
N GLU F 128 38.54 4.17 -29.85
CA GLU F 128 39.53 3.15 -30.03
C GLU F 128 38.95 1.81 -29.61
N MET F 129 39.13 0.80 -30.42
CA MET F 129 38.58 -0.50 -30.08
C MET F 129 39.74 -1.49 -30.04
N GLU F 130 39.88 -2.19 -28.93
CA GLU F 130 40.94 -3.17 -28.76
C GLU F 130 40.43 -4.62 -28.75
N TYR F 131 40.84 -5.39 -29.75
CA TYR F 131 40.57 -6.84 -29.88
C TYR F 131 41.54 -7.56 -28.95
N VAL F 132 41.02 -8.42 -28.09
CA VAL F 132 41.85 -9.18 -27.16
C VAL F 132 41.43 -10.65 -27.16
N SER F 133 42.33 -11.57 -27.52
CA SER F 133 41.96 -12.98 -27.64
C SER F 133 43.14 -13.94 -27.46
N LYS F 134 42.83 -15.20 -27.20
CA LYS F 134 43.88 -16.22 -27.23
C LYS F 134 44.20 -16.73 -28.60
N ARG F 135 43.50 -16.21 -29.64
CA ARG F 135 43.47 -16.79 -31.00
C ARG F 135 44.09 -16.02 -32.18
N LYS F 136 44.34 -14.73 -32.03
CA LYS F 136 45.00 -13.95 -33.09
C LYS F 136 44.34 -13.95 -34.48
N MET F 137 43.15 -13.39 -34.59
CA MET F 137 42.45 -13.32 -35.88
C MET F 137 42.22 -11.86 -36.26
N TYR F 138 43.35 -11.18 -36.41
CA TYR F 138 43.39 -9.75 -36.62
C TYR F 138 42.54 -9.33 -37.81
N ASP F 139 42.67 -10.07 -38.91
CA ASP F 139 42.03 -9.72 -40.18
C ASP F 139 40.53 -9.90 -40.23
N TYR F 140 40.08 -10.94 -39.56
CA TYR F 140 38.68 -11.16 -39.37
C TYR F 140 38.08 -10.01 -38.56
N PHE F 141 38.78 -9.62 -37.48
CA PHE F 141 38.40 -8.48 -36.65
C PHE F 141 38.14 -7.23 -37.53
N LEU F 142 39.07 -6.94 -38.44
CA LEU F 142 38.98 -5.75 -39.28
C LEU F 142 37.88 -5.84 -40.33
N GLY F 143 37.77 -7.01 -40.92
CA GLY F 143 36.69 -7.20 -41.86
C GLY F 143 35.32 -6.99 -41.25
N LEU F 144 35.13 -7.44 -40.01
CA LEU F 144 33.82 -7.32 -39.34
C LEU F 144 33.49 -5.85 -39.10
N ILE F 145 34.49 -5.06 -38.70
CA ILE F 145 34.31 -3.63 -38.59
C ILE F 145 33.90 -3.00 -39.94
N GLU F 146 34.60 -3.37 -41.01
CA GLU F 146 34.26 -2.84 -42.34
C GLU F 146 32.87 -3.20 -42.75
N GLY F 147 32.52 -4.46 -42.56
CA GLY F 147 31.18 -4.94 -42.80
C GLY F 147 30.16 -4.20 -41.95
N SER F 148 30.52 -3.84 -40.72
CA SER F 148 29.60 -3.06 -39.85
C SER F 148 29.37 -1.67 -40.45
N SER F 149 30.43 -1.05 -40.95
CA SER F 149 30.27 0.24 -41.61
C SER F 149 29.30 0.17 -42.79
N LYS F 150 29.47 -0.86 -43.62
CA LYS F 150 28.55 -1.05 -44.73
C LYS F 150 27.14 -1.31 -44.26
N PHE F 151 26.98 -2.12 -43.23
CA PHE F 151 25.60 -2.42 -42.79
C PHE F 151 24.93 -1.11 -42.36
N PHE F 152 25.63 -0.30 -41.58
CA PHE F 152 24.98 0.89 -41.04
C PHE F 152 25.08 2.08 -42.00
N LYS F 153 25.80 1.91 -43.11
CA LYS F 153 25.95 2.99 -44.09
C LYS F 153 26.48 4.29 -43.43
N GLU F 154 27.49 4.10 -42.59
CA GLU F 154 28.22 5.19 -41.97
C GLU F 154 29.68 4.99 -42.34
N GLU F 155 30.25 5.99 -43.00
CA GLU F 155 31.61 5.83 -43.48
C GLU F 155 32.57 6.00 -42.31
N ILE F 156 33.64 5.21 -42.30
CA ILE F 156 34.70 5.33 -41.29
C ILE F 156 36.05 5.23 -41.93
N SER F 157 37.03 5.72 -41.20
CA SER F 157 38.42 5.42 -41.46
C SER F 157 39.00 4.62 -40.30
N VAL F 158 39.72 3.57 -40.59
CA VAL F 158 40.23 2.73 -39.51
C VAL F 158 41.75 2.63 -39.51
N GLU F 159 42.38 3.04 -38.41
CA GLU F 159 43.80 2.90 -38.36
C GLU F 159 44.28 2.12 -37.16
N GLU F 160 45.15 1.16 -37.46
CA GLU F 160 45.82 0.41 -36.41
C GLU F 160 46.83 1.30 -35.70
N VAL F 161 46.75 1.31 -34.39
CA VAL F 161 47.59 2.14 -33.56
C VAL F 161 48.46 1.28 -32.68
N GLU F 162 48.08 0.02 -32.51
CA GLU F 162 48.81 -0.85 -31.59
C GLU F 162 48.57 -2.31 -31.89
N ARG F 163 49.60 -3.13 -31.74
CA ARG F 163 49.51 -4.55 -31.94
C ARG F 163 50.49 -5.21 -30.97
N GLY F 164 50.23 -6.46 -30.57
CA GLY F 164 51.11 -7.11 -29.63
C GLY F 164 50.61 -8.42 -29.04
N GLU F 165 51.55 -9.23 -28.57
CA GLU F 165 51.26 -10.49 -27.89
C GLU F 165 51.90 -10.51 -26.54
N LYS F 166 51.07 -10.45 -25.51
CA LYS F 166 51.53 -10.48 -24.13
C LYS F 166 50.80 -11.55 -23.36
N ASP F 167 51.54 -12.23 -22.50
CA ASP F 167 51.06 -13.32 -21.66
C ASP F 167 49.95 -14.11 -22.31
N GLY F 168 50.28 -14.82 -23.37
CA GLY F 168 49.28 -15.64 -24.04
C GLY F 168 48.14 -14.92 -24.73
N PHE F 169 48.09 -13.60 -24.74
CA PHE F 169 47.01 -12.93 -25.48
C PHE F 169 47.45 -12.13 -26.69
N SER F 170 46.73 -12.28 -27.78
CA SER F 170 46.96 -11.38 -28.90
C SER F 170 46.12 -10.13 -28.68
N ARG F 171 46.69 -8.98 -29.00
CA ARG F 171 45.98 -7.69 -28.86
C ARG F 171 46.12 -6.85 -30.08
N LEU F 172 45.03 -6.17 -30.44
CA LEU F 172 45.06 -5.26 -31.56
C LEU F 172 44.19 -4.06 -31.31
N LYS F 173 44.76 -2.85 -31.30
CA LYS F 173 43.94 -1.68 -31.11
C LYS F 173 43.82 -0.85 -32.39
N VAL F 174 42.58 -0.45 -32.69
CA VAL F 174 42.34 0.44 -33.82
C VAL F 174 41.67 1.73 -33.42
N ARG F 175 41.99 2.76 -34.18
CA ARG F 175 41.32 4.03 -34.03
C ARG F 175 40.36 4.18 -35.21
N ILE F 176 39.10 4.43 -34.87
CA ILE F 176 38.03 4.50 -35.84
C ILE F 176 37.42 5.90 -35.85
N LYS F 177 37.51 6.59 -36.99
CA LYS F 177 36.96 7.94 -37.09
C LYS F 177 35.63 7.96 -37.84
N PHE F 178 34.67 8.71 -37.33
CA PHE F 178 33.35 8.87 -37.93
C PHE F 178 33.18 10.26 -38.57
N LYS F 179 32.17 10.42 -39.42
CA LYS F 179 31.91 11.72 -40.02
C LYS F 179 31.15 12.69 -39.11
N ASN F 180 30.51 12.19 -38.05
CA ASN F 180 29.75 13.02 -37.07
C ASN F 180 30.20 12.76 -35.65
N PRO F 181 29.95 13.69 -34.73
CA PRO F 181 30.40 13.40 -33.36
C PRO F 181 29.77 12.15 -32.70
N VAL F 182 30.54 11.54 -31.80
CA VAL F 182 30.09 10.39 -31.03
C VAL F 182 28.95 10.82 -30.14
N PHE F 183 29.16 11.91 -29.40
CA PHE F 183 28.09 12.45 -28.57
C PHE F 183 27.74 13.84 -28.99
N GLU F 184 27.08 13.95 -30.14
CA GLU F 184 26.77 15.26 -30.66
C GLU F 184 25.69 15.96 -29.84
N TYR F 185 25.93 17.21 -29.51
CA TYR F 185 24.85 18.08 -29.07
C TYR F 185 24.37 18.85 -30.28
N LYS F 186 23.08 18.78 -30.59
CA LYS F 186 22.58 19.59 -31.68
C LYS F 186 21.39 20.43 -31.21
N LYS F 187 20.87 21.25 -32.12
CA LYS F 187 19.82 22.25 -31.84
C LYS F 187 18.48 21.65 -31.41
CHA HEM G . 7.01 -16.69 -13.82
CHB HEM G . 7.57 -12.66 -16.30
CHC HEM G . 8.06 -14.99 -20.45
CHD HEM G . 7.84 -19.11 -17.97
C1A HEM G . 7.11 -15.35 -14.13
C2A HEM G . 6.97 -14.25 -13.20
C3A HEM G . 7.10 -13.17 -13.93
C4A HEM G . 7.38 -13.56 -15.30
CMA HEM G . 7.00 -11.71 -13.45
CAA HEM G . 6.59 -14.26 -11.68
CBA HEM G . 7.73 -14.48 -10.69
CGA HEM G . 7.24 -14.48 -9.23
O1A HEM G . 6.09 -14.00 -8.91
O2A HEM G . 8.03 -14.97 -8.38
C1B HEM G . 7.67 -12.97 -17.61
C2B HEM G . 7.70 -11.99 -18.68
C3B HEM G . 7.82 -12.66 -19.81
C4B HEM G . 7.92 -14.04 -19.48
CMB HEM G . 7.54 -10.46 -18.53
CAB HEM G . 7.93 -12.16 -21.25
CBB HEM G . 8.70 -11.09 -21.54
C1C HEM G . 8.06 -16.28 -20.12
C2C HEM G . 8.23 -17.33 -21.07
C3C HEM G . 8.19 -18.45 -20.39
C4C HEM G . 7.96 -18.18 -18.98
CMC HEM G . 8.45 -17.22 -22.60
CAC HEM G . 8.33 -19.78 -21.11
CBC HEM G . 7.96 -20.87 -20.47
C1D HEM G . 7.48 -18.87 -16.66
C2D HEM G . 7.04 -19.85 -15.71
C3D HEM G . 6.80 -19.05 -14.42
C4D HEM G . 7.11 -17.70 -14.75
CMD HEM G . 6.87 -21.36 -16.03
CAD HEM G . 6.33 -19.34 -12.95
CBD HEM G . 6.35 -20.80 -12.63
CGD HEM G . 7.56 -21.47 -12.09
O1D HEM G . 8.28 -21.11 -11.14
O2D HEM G . 7.73 -22.53 -12.63
NA HEM G . 7.37 -14.92 -15.41
NB HEM G . 7.81 -14.23 -18.11
NC HEM G . 7.89 -16.81 -18.85
ND HEM G . 7.53 -17.62 -16.08
FE HEM G . 7.96 -15.92 -17.05
CHA HEM H . 24.59 11.16 -14.89
CHB HEM H . 23.75 9.17 -19.19
CHC HEM H . 18.95 9.01 -18.48
CHD HEM H . 19.80 10.71 -14.04
C1A HEM H . 24.76 10.66 -16.15
C2A HEM H . 26.02 10.69 -16.88
C3A HEM H . 25.78 10.12 -18.03
C4A HEM H . 24.36 9.77 -18.11
CMA HEM H . 26.85 9.97 -19.12
CAA HEM H . 27.39 11.22 -16.43
CBA HEM H . 27.91 10.42 -15.22
CGA HEM H . 29.32 10.84 -14.86
O1A HEM H . 29.92 11.78 -15.45
O2A HEM H . 29.88 10.20 -13.95
C1B HEM H . 22.40 8.99 -19.34
C2B HEM H . 21.80 8.50 -20.56
C3B HEM H . 20.49 8.49 -20.37
C4B HEM H . 20.21 8.93 -19.02
CMB HEM H . 22.56 8.14 -21.87
CAB HEM H . 19.41 8.00 -21.35
CBB HEM H . 19.65 7.02 -22.23
C1C HEM H . 18.78 9.43 -17.19
C2C HEM H . 17.52 9.47 -16.46
C3C HEM H . 17.79 9.96 -15.24
C4C HEM H . 19.20 10.21 -15.16
CMC HEM H . 16.15 9.06 -17.08
CAC HEM H . 16.90 10.23 -14.01
CBC HEM H . 15.63 9.87 -13.89
C1D HEM H . 21.09 11.17 -13.99
C2D HEM H . 21.52 12.26 -13.14
C3D HEM H . 23.02 12.39 -13.40
C4D HEM H . 23.31 11.38 -14.38
CMD HEM H . 20.59 13.04 -12.16
CAD HEM H . 24.13 13.32 -12.81
CBD HEM H . 23.81 13.56 -11.34
CGD HEM H . 24.36 12.70 -10.24
O1D HEM H . 23.56 12.50 -9.33
O2D HEM H . 25.53 12.23 -10.22
NA HEM H . 23.74 10.08 -16.92
NB HEM H . 21.40 9.24 -18.40
NC HEM H . 19.81 9.88 -16.35
ND HEM H . 22.15 10.66 -14.74
FE HEM H . 21.80 9.76 -16.51
CHA HEM I . -26.11 -11.67 16.59
CHB HEM I . -22.27 -9.15 18.09
CHC HEM I . -23.82 -9.41 22.70
CHD HEM I . -27.99 -11.11 21.04
C1A HEM I . -24.92 -11.02 16.63
C2A HEM I . -23.99 -10.90 15.51
C3A HEM I . -22.94 -10.23 15.93
C4A HEM I . -23.16 -9.87 17.32
CMA HEM I . -21.71 -9.84 15.09
CAA HEM I . -24.16 -11.46 14.07
CBA HEM I . -25.25 -10.71 13.29
CGA HEM I . -25.13 -11.03 11.79
O1A HEM I . -24.22 -11.79 11.40
O2A HEM I . -25.94 -10.53 10.98
C1B HEM I . -22.35 -9.06 19.47
C2B HEM I . -21.31 -8.56 20.34
C3B HEM I . -21.77 -8.66 21.59
C4B HEM I . -23.08 -9.21 21.56
CMB HEM I . -19.93 -8.06 19.86
CAB HEM I . -21.12 -8.25 22.93
CBB HEM I . -20.22 -7.26 22.92
C1C HEM I . -25.08 -9.90 22.64
C2C HEM I . -25.92 -10.15 23.79
C3C HEM I . -27.06 -10.62 23.33
C4C HEM I . -27.01 -10.67 21.88
CMC HEM I . -25.57 -9.94 25.29
CAC HEM I . -28.20 -11.02 24.26
CBC HEM I . -29.37 -10.47 23.98
C1D HEM I . -27.78 -11.60 19.77
C2D HEM I . -28.54 -12.67 19.15
C3D HEM I . -27.98 -12.84 17.75
C4D HEM I . -26.90 -11.86 17.69
CMD HEM I . -29.74 -13.45 19.75
CAD HEM I . -28.43 -13.86 16.64
CBD HEM I . -29.15 -13.22 15.43
CGD HEM I . -30.64 -12.98 15.71
O1D HEM I . -31.35 -12.34 14.89
O2D HEM I . -31.16 -13.47 16.72
NA HEM I . -24.41 -10.36 17.73
NB HEM I . -23.44 -9.46 20.26
NC HEM I . -25.77 -10.21 21.48
ND HEM I . -26.79 -11.13 18.88
FE HEM I . -25.20 -10.11 19.56
CHA HEM J . -32.28 15.54 34.37
CHB HEM J . -29.55 11.52 34.28
CHC HEM J . -25.53 14.16 34.66
CHD HEM J . -28.20 18.14 34.49
C1A HEM J . -31.90 14.21 34.30
C2A HEM J . -32.78 13.04 34.20
C3A HEM J . -32.00 11.96 34.19
C4A HEM J . -30.62 12.37 34.24
CMA HEM J . -32.46 10.50 34.12
CAA HEM J . -34.34 12.95 34.20
CBA HEM J . -35.10 13.51 33.00
CGA HEM J . -36.59 13.31 33.14
O1A HEM J . -37.32 13.82 32.22
O2A HEM J . -37.06 12.66 34.14
C1B HEM J . -28.25 11.91 34.47
C2B HEM J . -27.09 11.04 34.66
C3B HEM J . -26.03 11.82 34.77
C4B HEM J . -26.46 13.15 34.59
CMB HEM J . -27.13 9.51 34.73
CAB HEM J . -24.54 11.54 34.96
CBB HEM J . -23.98 10.41 34.48
C1C HEM J . -25.91 15.47 34.63
C2C HEM J . -24.98 16.59 34.70
C3C HEM J . -25.75 17.69 34.66
C4C HEM J . -27.14 17.27 34.56
CMC HEM J . -23.45 16.43 34.85
CAC HEM J . -25.40 19.19 34.69
CBC HEM J . -24.15 19.64 34.60
C1D HEM J . -29.53 17.81 34.57
C2D HEM J . -30.54 18.77 34.88
C3D HEM J . -31.84 18.00 34.86
C4D HEM J . -31.44 16.63 34.52
CMD HEM J . -30.25 20.27 35.17
CAD HEM J . -33.28 18.54 35.12
CBD HEM J . -33.56 19.95 34.51
CGD HEM J . -34.40 19.76 33.29
O1D HEM J . -34.90 20.70 32.68
O2D HEM J . -34.58 18.60 32.92
NA HEM J . -30.57 13.77 34.30
NB HEM J . -27.85 13.22 34.43
NC HEM J . -27.23 15.89 34.54
ND HEM J . -30.05 16.55 34.36
FE HEM J . -28.93 14.90 34.15
CHA HEM K . -8.36 15.75 11.89
CHB HEM K . -9.18 14.68 16.50
CHC HEM K . -7.46 10.22 15.99
CHD HEM K . -7.07 11.15 11.25
C1A HEM K . -8.74 15.85 13.21
C2A HEM K . -9.29 17.02 13.83
C3A HEM K . -9.48 16.71 15.11
C4A HEM K . -9.10 15.34 15.31
CMA HEM K . -10.04 17.60 16.24
CAA HEM K . -9.53 18.41 13.18
CBA HEM K . -10.57 18.40 12.06
CGA HEM K . -10.82 19.85 11.70
O1A HEM K . -11.69 20.12 10.83
O2A HEM K . -10.15 20.76 12.26
C1B HEM K . -8.76 13.42 16.74
C2B HEM K . -8.75 12.83 18.05
C3B HEM K . -8.25 11.61 17.93
C4B HEM K . -7.98 11.38 16.51
CMB HEM K . -9.19 13.57 19.36
CAB HEM K . -8.09 10.52 19.03
CBB HEM K . -9.03 10.34 20.00
C1C HEM K . -7.20 10.09 14.66
C2C HEM K . -6.63 8.92 14.02
C3C HEM K . -6.52 9.19 12.71
C4C HEM K . -7.03 10.53 12.48
CMC HEM K . -6.23 7.61 14.75
CAC HEM K . -6.02 8.31 11.54
CBC HEM K . -5.71 7.02 11.64
C1D HEM K . -7.18 12.49 11.01
C2D HEM K . -6.61 13.20 9.88
C3D HEM K . -7.01 14.66 10.09
C4D HEM K . -7.78 14.66 11.33
CMD HEM K . -5.76 12.60 8.72
CAD HEM K . -6.71 15.87 9.17
CBD HEM K . -6.88 15.43 7.71
CGD HEM K . -8.10 16.09 7.21
O1D HEM K . -8.73 15.60 6.25
O2D HEM K . -8.42 17.11 7.85
NA HEM K . -8.66 14.82 14.13
NB HEM K . -8.28 12.54 15.78
NC HEM K . -7.44 11.06 13.70
ND HEM K . -7.88 13.37 11.88
FE HEM K . -8.27 12.89 13.79
CHA HEM L . 33.90 -14.88 -32.84
CHB HEM L . 29.22 -13.95 -32.98
CHC HEM L . 29.83 -9.36 -34.14
CHD HEM L . 34.56 -10.14 -33.62
C1A HEM L . 32.54 -15.02 -32.75
C2A HEM L . 31.85 -16.25 -32.41
C3A HEM L . 30.57 -15.96 -32.46
C4A HEM L . 30.43 -14.57 -32.82
CMA HEM L . 29.40 -16.93 -32.17
CAA HEM L . 32.37 -17.66 -32.06
CBA HEM L . 33.21 -17.81 -30.81
CGA HEM L . 33.56 -19.29 -30.65
O1A HEM L . 34.18 -19.66 -29.61
O2A HEM L . 33.23 -20.09 -31.56
C1B HEM L . 29.03 -12.66 -33.34
C2B HEM L . 27.71 -12.10 -33.49
C3B HEM L . 27.86 -10.83 -33.82
C4B HEM L . 29.29 -10.57 -33.85
CMB HEM L . 26.40 -12.91 -33.34
CAB HEM L . 26.75 -9.76 -34.06
CBB HEM L . 25.55 -9.78 -33.40
C1C HEM L . 31.16 -9.20 -34.07
C2C HEM L . 31.82 -7.96 -34.36
C3C HEM L . 33.11 -8.14 -34.21
C4C HEM L . 33.34 -9.54 -33.86
CMC HEM L . 31.15 -6.61 -34.74
CAC HEM L . 34.09 -6.97 -34.43
CBC HEM L . 35.33 -7.11 -34.00
C1D HEM L . 34.80 -11.49 -33.54
C2D HEM L . 36.06 -12.11 -33.88
C3D HEM L . 35.89 -13.60 -33.63
C4D HEM L . 34.50 -13.71 -33.18
CMD HEM L . 37.36 -11.43 -34.40
CAD HEM L . 36.98 -14.67 -33.89
CBD HEM L . 37.39 -15.64 -32.78
CGD HEM L . 38.54 -15.03 -32.03
O1D HEM L . 38.97 -13.92 -32.46
O2D HEM L . 39.01 -15.61 -31.02
NA HEM L . 31.65 -13.99 -32.98
NB HEM L . 30.01 -11.70 -33.55
NC HEM L . 32.12 -10.17 -33.75
ND HEM L . 33.87 -12.45 -33.12
FE HEM L . 31.91 -12.00 -32.99
#